data_7S49
#
_entry.id   7S49
#
_cell.length_a   129.407
_cell.length_b   129.407
_cell.length_c   240.548
_cell.angle_alpha   90.000
_cell.angle_beta   90.000
_cell.angle_gamma   120.000
#
_symmetry.space_group_name_H-M   'P 61 2 2'
#
loop_
_entity.id
_entity.type
_entity.pdbx_description
1 polymer Galactokinase
2 non-polymer alpha-D-galactopyranose
3 non-polymer (4R)-2-[(1,3-benzoxazol-2-yl)amino]-4-(4-chloro-1H-pyrazol-5-yl)-4,6,7,8-tetrahydroquinazolin-5(1H)-one
4 non-polymer 'PHOSPHATE ION'
5 non-polymer 'SODIUM ION'
6 water water
#
_entity_poly.entity_id   1
_entity_poly.type   'polypeptide(L)'
_entity_poly.pdbx_seq_one_letter_code
;MAALRQPQVAELLAEARRAFREEFGAEPELAVSAPGRVNLIGEHTDYNQGLVLPMALELMTVLVGSPRKDGLVSLLTTSE
GADEPQRLQFPLPTAQRSLEPGTPRWANYVKGVIQYYPAAPLPGFSAVVVSSVPLGGGLSSSASLEVATYTFLQQLCPDS
GTIAARAQVCQQAEHSFAGMPCGIMDQFISLMGQKGHALLIDCRSLETSLVPLSDPKLAVLITNSNVRHSLASSEYPVRR
RQCEEVARALGAASLREVQLEELEAARDLVSKEGFRRARHVVGEIRRTAQAAAALRRGDYRAFGRLMVESHRSLRDDYEV
SCPELDQLVEAALAVPGVYGSRMTGGGFGGCTVTLLEASAAPHAMRHIQEHYGGTATFYLSQAADGAKVLCL
;
_entity_poly.pdbx_strand_id   A,B
#
loop_
_chem_comp.id
_chem_comp.type
_chem_comp.name
_chem_comp.formula
4QI non-polymer (4R)-2-[(1,3-benzoxazol-2-yl)amino]-4-(4-chloro-1H-pyrazol-5-yl)-4,6,7,8-tetrahydroquinazolin-5(1H)-one 'C18 H15 Cl N6 O2'
GLA D-saccharide, alpha linking alpha-D-galactopyranose 'C6 H12 O6'
NA non-polymer 'SODIUM ION' 'Na 1'
PO4 non-polymer 'PHOSPHATE ION' 'O4 P -3'
#
# COMPACT_ATOMS: atom_id res chain seq x y z
N ALA A 2 -19.84 26.15 2.85
CA ALA A 2 -20.63 25.19 2.00
C ALA A 2 -20.28 23.74 2.37
N ALA A 3 -18.99 23.34 2.24
CA ALA A 3 -18.49 21.97 2.52
C ALA A 3 -18.31 21.78 4.03
N LEU A 4 -18.84 20.69 4.59
CA LEU A 4 -18.64 20.25 6.00
C LEU A 4 -17.15 20.05 6.28
N ARG A 5 -16.67 20.72 7.31
CA ARG A 5 -15.34 20.58 7.94
C ARG A 5 -15.13 19.13 8.42
N GLN A 6 -13.92 18.62 8.19
CA GLN A 6 -13.51 17.21 8.38
C GLN A 6 -12.43 17.20 9.45
N PRO A 7 -12.73 16.84 10.72
CA PRO A 7 -11.73 16.91 11.77
C PRO A 7 -10.49 16.11 11.35
N GLN A 8 -9.32 16.64 11.72
CA GLN A 8 -8.00 15.97 11.58
C GLN A 8 -7.82 14.95 12.70
N VAL A 9 -6.90 14.02 12.51
CA VAL A 9 -6.64 12.94 13.48
C VAL A 9 -6.29 13.57 14.83
N ALA A 10 -5.44 14.60 14.88
CA ALA A 10 -5.03 15.23 16.18
C ALA A 10 -6.28 15.55 17.04
N GLU A 11 -7.32 16.08 16.40
CA GLU A 11 -8.53 16.60 17.05
C GLU A 11 -9.42 15.41 17.46
N LEU A 12 -9.48 14.35 16.65
CA LEU A 12 -10.27 13.14 17.02
C LEU A 12 -9.58 12.45 18.21
N LEU A 13 -8.25 12.37 18.21
CA LEU A 13 -7.48 11.76 19.33
C LEU A 13 -7.79 12.49 20.63
N ALA A 14 -7.72 13.83 20.63
CA ALA A 14 -7.90 14.66 21.85
C ALA A 14 -9.33 14.46 22.36
N GLU A 15 -10.32 14.35 21.47
CA GLU A 15 -11.72 14.11 21.88
C GLU A 15 -11.82 12.70 22.50
N ALA A 16 -11.15 11.73 21.89
CA ALA A 16 -11.19 10.33 22.35
C ALA A 16 -10.46 10.19 23.70
N ARG A 17 -9.28 10.79 23.84
CA ARG A 17 -8.55 10.77 25.12
C ARG A 17 -9.41 11.38 26.23
N ARG A 18 -9.98 12.54 25.97
CA ARG A 18 -10.84 13.24 26.94
C ARG A 18 -11.97 12.29 27.36
N ALA A 19 -12.68 11.68 26.41
CA ALA A 19 -13.79 10.76 26.74
C ALA A 19 -13.24 9.56 27.53
N PHE A 20 -12.05 9.07 27.17
CA PHE A 20 -11.48 7.87 27.82
C PHE A 20 -11.10 8.21 29.27
N ARG A 21 -10.47 9.38 29.50
CA ARG A 21 -10.05 9.82 30.86
C ARG A 21 -11.30 9.89 31.75
N GLU A 22 -12.35 10.48 31.21
CA GLU A 22 -13.57 10.66 32.00
C GLU A 22 -14.13 9.27 32.25
N GLU A 23 -14.15 8.38 31.26
CA GLU A 23 -14.93 7.13 31.39
C GLU A 23 -14.17 6.13 32.27
N PHE A 24 -12.86 6.00 32.13
CA PHE A 24 -12.05 4.88 32.68
C PHE A 24 -11.01 5.35 33.72
N GLY A 25 -10.79 6.65 33.88
CA GLY A 25 -10.04 7.21 35.03
C GLY A 25 -8.55 7.42 34.77
N ALA A 26 -8.08 7.37 33.52
CA ALA A 26 -6.64 7.39 33.22
C ALA A 26 -6.40 7.55 31.73
N GLU A 27 -5.17 7.86 31.32
CA GLU A 27 -4.88 8.09 29.89
C GLU A 27 -4.96 6.72 29.23
N PRO A 28 -5.48 6.66 28.00
CA PRO A 28 -5.41 5.43 27.23
C PRO A 28 -3.94 5.17 26.82
N GLU A 29 -3.59 3.91 26.54
CA GLU A 29 -2.22 3.44 26.19
C GLU A 29 -2.08 3.30 24.67
N LEU A 30 -3.14 2.99 23.94
CA LEU A 30 -3.09 2.55 22.53
C LEU A 30 -4.06 3.40 21.71
N ALA A 31 -3.73 3.64 20.44
CA ALA A 31 -4.64 4.33 19.51
C ALA A 31 -4.44 3.85 18.07
N VAL A 32 -5.53 3.86 17.32
CA VAL A 32 -5.59 3.49 15.88
C VAL A 32 -6.65 4.37 15.22
N SER A 33 -6.56 4.46 13.90
CA SER A 33 -7.56 5.14 13.06
C SER A 33 -7.82 4.26 11.83
N ALA A 34 -9.04 4.32 11.33
CA ALA A 34 -9.42 3.70 10.04
C ALA A 34 -10.45 4.57 9.32
N PRO A 35 -10.23 4.83 8.03
CA PRO A 35 -11.05 5.76 7.28
C PRO A 35 -12.35 5.16 6.74
N GLY A 36 -13.31 6.04 6.46
CA GLY A 36 -14.42 5.75 5.53
C GLY A 36 -13.93 5.78 4.07
N ARG A 37 -14.86 5.62 3.13
CA ARG A 37 -14.56 5.47 1.68
C ARG A 37 -15.72 5.99 0.84
N VAL A 38 -15.37 6.30 -0.38
CA VAL A 38 -16.30 6.58 -1.49
C VAL A 38 -15.84 5.69 -2.62
N ASN A 39 -16.78 5.08 -3.34
CA ASN A 39 -16.48 4.24 -4.52
C ASN A 39 -16.61 5.15 -5.74
N LEU A 40 -15.52 5.36 -6.49
CA LEU A 40 -15.54 6.23 -7.70
C LEU A 40 -16.41 5.56 -8.77
N ILE A 41 -16.28 4.23 -8.95
CA ILE A 41 -17.06 3.43 -9.93
C ILE A 41 -16.87 1.94 -9.61
N GLY A 42 -17.79 1.08 -10.05
CA GLY A 42 -17.72 -0.36 -9.79
C GLY A 42 -18.67 -0.74 -8.68
N GLU A 43 -19.95 -0.43 -8.85
CA GLU A 43 -20.94 -0.59 -7.75
C GLU A 43 -21.66 -1.93 -7.91
N HIS A 44 -21.80 -2.66 -6.79
CA HIS A 44 -22.50 -3.97 -6.68
C HIS A 44 -21.78 -5.00 -7.55
N THR A 45 -20.47 -4.86 -7.71
CA THR A 45 -19.61 -5.81 -8.45
C THR A 45 -18.77 -6.61 -7.46
N ASP A 46 -18.47 -6.09 -6.27
CA ASP A 46 -17.48 -6.76 -5.37
C ASP A 46 -17.97 -8.17 -5.01
N TYR A 47 -19.25 -8.37 -4.67
CA TYR A 47 -19.77 -9.73 -4.35
C TYR A 47 -20.01 -10.53 -5.63
N ASN A 48 -19.80 -9.96 -6.82
CA ASN A 48 -19.81 -10.68 -8.12
C ASN A 48 -18.37 -10.93 -8.62
N GLN A 49 -17.40 -10.91 -7.70
CA GLN A 49 -15.97 -11.14 -8.00
C GLN A 49 -15.53 -10.23 -9.16
N GLY A 50 -15.98 -8.97 -9.11
CA GLY A 50 -15.70 -7.94 -10.12
C GLY A 50 -14.58 -7.00 -9.72
N LEU A 51 -14.57 -5.81 -10.32
CA LEU A 51 -13.58 -4.72 -10.14
C LEU A 51 -14.29 -3.54 -9.49
N VAL A 52 -13.59 -2.86 -8.59
CA VAL A 52 -14.05 -1.64 -7.89
C VAL A 52 -12.88 -0.64 -7.88
N LEU A 53 -13.22 0.66 -7.79
CA LEU A 53 -12.24 1.77 -7.79
C LEU A 53 -12.60 2.73 -6.66
N PRO A 54 -12.43 2.32 -5.38
CA PRO A 54 -12.61 3.23 -4.25
C PRO A 54 -11.36 4.04 -3.88
N MET A 55 -11.57 5.14 -3.14
CA MET A 55 -10.53 5.88 -2.40
C MET A 55 -10.98 6.00 -0.93
N ALA A 56 -10.01 5.99 -0.02
CA ALA A 56 -10.22 6.25 1.43
C ALA A 56 -10.45 7.76 1.62
N LEU A 57 -11.28 8.12 2.61
CA LEU A 57 -11.59 9.53 2.95
C LEU A 57 -10.81 10.01 4.20
N GLU A 58 -10.75 11.34 4.38
CA GLU A 58 -10.22 12.06 5.57
C GLU A 58 -11.27 12.02 6.70
N LEU A 59 -12.45 11.47 6.41
CA LEU A 59 -13.41 11.05 7.46
C LEU A 59 -12.96 9.67 7.98
N MET A 60 -12.94 9.48 9.30
CA MET A 60 -12.28 8.29 9.91
C MET A 60 -12.88 7.99 11.28
N THR A 61 -12.63 6.77 11.75
CA THR A 61 -12.94 6.31 13.11
C THR A 61 -11.63 6.13 13.87
N VAL A 62 -11.60 6.61 15.12
CA VAL A 62 -10.42 6.50 16.02
C VAL A 62 -10.85 5.76 17.30
N LEU A 63 -10.11 4.69 17.63
CA LEU A 63 -10.19 3.97 18.93
C LEU A 63 -8.96 4.39 19.73
N VAL A 64 -9.18 4.75 20.98
CA VAL A 64 -8.12 4.80 22.01
C VAL A 64 -8.54 3.81 23.10
N GLY A 65 -7.56 3.13 23.69
CA GLY A 65 -7.84 2.10 24.71
C GLY A 65 -6.59 1.54 25.36
N SER A 66 -6.82 0.62 26.28
CA SER A 66 -5.81 0.01 27.19
C SER A 66 -6.19 -1.44 27.40
N PRO A 67 -5.22 -2.37 27.51
CA PRO A 67 -5.54 -3.74 27.89
C PRO A 67 -6.06 -3.77 29.32
N ARG A 68 -6.91 -4.75 29.61
CA ARG A 68 -7.42 -5.07 30.96
C ARG A 68 -6.90 -6.45 31.36
N LYS A 69 -6.99 -6.69 32.67
CA LYS A 69 -6.55 -7.95 33.30
C LYS A 69 -7.74 -8.86 33.52
N ASP A 70 -8.97 -8.37 33.39
CA ASP A 70 -10.17 -9.06 33.93
C ASP A 70 -10.95 -9.77 32.82
N GLY A 71 -10.42 -9.82 31.58
CA GLY A 71 -11.11 -10.49 30.47
C GLY A 71 -12.45 -9.83 30.11
N LEU A 72 -12.68 -8.57 30.51
CA LEU A 72 -13.88 -7.81 30.09
C LEU A 72 -13.53 -6.86 28.95
N VAL A 73 -14.50 -6.64 28.06
CA VAL A 73 -14.50 -5.52 27.09
C VAL A 73 -15.43 -4.42 27.60
N SER A 74 -14.88 -3.22 27.64
CA SER A 74 -15.61 -2.01 28.07
C SER A 74 -15.51 -0.94 26.98
N LEU A 75 -16.65 -0.58 26.40
CA LEU A 75 -16.75 0.34 25.25
C LEU A 75 -17.54 1.57 25.65
N LEU A 76 -17.14 2.69 25.07
CA LEU A 76 -17.91 3.94 25.01
C LEU A 76 -17.73 4.51 23.61
N THR A 77 -18.82 4.97 23.00
CA THR A 77 -18.73 5.76 21.76
C THR A 77 -19.29 7.16 21.99
N THR A 78 -18.71 8.14 21.32
CA THR A 78 -19.21 9.53 21.31
C THR A 78 -20.03 9.78 20.04
N SER A 79 -20.12 8.80 19.14
CA SER A 79 -20.60 8.99 17.74
C SER A 79 -22.05 9.44 17.74
N GLU A 80 -22.38 10.29 16.78
CA GLU A 80 -23.46 11.30 16.95
C GLU A 80 -24.80 10.57 17.16
N GLY A 81 -25.12 9.67 16.23
CA GLY A 81 -26.39 8.94 16.26
C GLY A 81 -26.16 7.48 16.55
N ALA A 82 -25.07 7.08 17.22
CA ALA A 82 -24.97 5.71 17.74
C ALA A 82 -26.19 5.47 18.63
N ASP A 83 -26.78 4.30 18.52
CA ASP A 83 -27.99 3.91 19.27
C ASP A 83 -27.57 3.60 20.71
N GLU A 84 -28.54 3.69 21.60
CA GLU A 84 -28.38 3.55 23.07
C GLU A 84 -28.29 2.07 23.42
N PRO A 85 -27.50 1.66 24.44
CA PRO A 85 -26.62 2.58 25.17
C PRO A 85 -25.34 2.86 24.36
N GLN A 86 -24.64 3.92 24.74
CA GLN A 86 -23.40 4.39 24.07
C GLN A 86 -22.19 3.94 24.87
N ARG A 87 -22.46 3.22 25.95
CA ARG A 87 -21.43 2.56 26.78
C ARG A 87 -21.97 1.18 27.11
N LEU A 88 -21.10 0.17 27.10
CA LEU A 88 -21.48 -1.20 27.50
C LEU A 88 -20.20 -1.97 27.79
N GLN A 89 -20.39 -3.07 28.51
CA GLN A 89 -19.31 -3.95 29.00
C GLN A 89 -19.76 -5.39 28.79
N PHE A 90 -18.88 -6.25 28.28
CA PHE A 90 -19.17 -7.69 28.10
C PHE A 90 -17.89 -8.49 28.28
N PRO A 91 -17.98 -9.76 28.74
CA PRO A 91 -16.81 -10.64 28.79
C PRO A 91 -16.40 -11.11 27.39
N LEU A 92 -15.09 -11.35 27.19
CA LEU A 92 -14.53 -11.92 25.94
C LEU A 92 -15.20 -13.26 25.70
N PRO A 93 -15.34 -13.66 24.42
CA PRO A 93 -15.76 -15.02 24.09
C PRO A 93 -14.72 -16.06 24.50
N THR A 94 -15.18 -17.31 24.63
CA THR A 94 -14.36 -18.54 24.80
C THR A 94 -14.76 -19.54 23.69
N ALA A 95 -14.03 -20.65 23.54
CA ALA A 95 -14.44 -21.80 22.71
C ALA A 95 -15.79 -22.33 23.22
N GLN A 96 -15.90 -22.38 24.55
CA GLN A 96 -17.12 -22.84 25.26
C GLN A 96 -18.33 -22.01 24.80
N ARG A 97 -18.23 -20.66 24.83
CA ARG A 97 -19.32 -19.70 24.51
C ARG A 97 -18.77 -18.55 23.66
N SER A 98 -19.49 -18.16 22.61
CA SER A 98 -19.10 -17.03 21.75
C SER A 98 -20.02 -15.84 21.97
N LEU A 99 -19.62 -14.68 21.45
CA LEU A 99 -20.47 -13.48 21.37
C LEU A 99 -21.58 -13.76 20.36
N GLU A 100 -22.63 -12.96 20.45
CA GLU A 100 -23.83 -12.99 19.57
C GLU A 100 -24.15 -11.55 19.21
N PRO A 101 -24.73 -11.28 18.03
CA PRO A 101 -25.16 -9.92 17.73
C PRO A 101 -26.28 -9.58 18.72
N GLY A 102 -26.39 -8.33 19.15
CA GLY A 102 -27.47 -7.88 20.05
C GLY A 102 -27.59 -6.38 20.03
N THR A 103 -28.06 -5.80 21.13
CA THR A 103 -28.22 -4.34 21.37
C THR A 103 -27.00 -3.84 22.12
N PRO A 104 -26.48 -2.63 21.82
CA PRO A 104 -26.88 -1.86 20.64
C PRO A 104 -26.21 -2.29 19.33
N ARG A 105 -26.74 -1.80 18.21
CA ARG A 105 -26.34 -2.16 16.82
C ARG A 105 -24.87 -1.78 16.59
N TRP A 106 -24.44 -0.63 17.06
CA TRP A 106 -23.07 -0.15 16.79
C TRP A 106 -22.02 -1.11 17.37
N ALA A 107 -22.28 -1.67 18.56
CA ALA A 107 -21.31 -2.54 19.28
C ALA A 107 -21.22 -3.89 18.56
N ASN A 108 -22.23 -4.23 17.76
CA ASN A 108 -22.19 -5.48 16.95
C ASN A 108 -20.95 -5.51 16.05
N TYR A 109 -20.53 -4.38 15.46
CA TYR A 109 -19.36 -4.29 14.54
C TYR A 109 -18.09 -4.69 15.31
N VAL A 110 -17.98 -4.21 16.55
CA VAL A 110 -16.83 -4.48 17.46
C VAL A 110 -16.90 -5.93 17.95
N LYS A 111 -18.08 -6.40 18.40
CA LYS A 111 -18.23 -7.81 18.88
C LYS A 111 -17.83 -8.78 17.76
N GLY A 112 -18.32 -8.55 16.55
CA GLY A 112 -18.02 -9.43 15.41
C GLY A 112 -16.53 -9.55 15.19
N VAL A 113 -15.78 -8.46 15.27
CA VAL A 113 -14.35 -8.51 14.92
C VAL A 113 -13.62 -9.23 16.08
N ILE A 114 -14.06 -9.03 17.32
CA ILE A 114 -13.48 -9.78 18.47
C ILE A 114 -13.65 -11.30 18.25
N GLN A 115 -14.88 -11.69 17.95
CA GLN A 115 -15.32 -13.11 17.85
C GLN A 115 -14.46 -13.82 16.83
N TYR A 116 -14.18 -13.16 15.70
CA TYR A 116 -13.51 -13.75 14.52
C TYR A 116 -12.05 -13.32 14.45
N TYR A 117 -11.51 -12.68 15.48
CA TYR A 117 -10.09 -12.24 15.48
C TYR A 117 -9.23 -13.50 15.53
N PRO A 118 -8.28 -13.70 14.59
CA PRO A 118 -7.66 -15.01 14.42
C PRO A 118 -6.53 -15.35 15.40
N ALA A 119 -5.92 -14.42 16.11
CA ALA A 119 -4.78 -14.70 17.02
C ALA A 119 -5.26 -14.72 18.48
N ALA A 120 -4.51 -15.40 19.35
CA ALA A 120 -4.80 -15.55 20.80
C ALA A 120 -3.48 -15.48 21.57
N PRO A 121 -3.44 -15.21 22.89
CA PRO A 121 -4.62 -14.82 23.67
C PRO A 121 -4.92 -13.30 23.61
N LEU A 122 -6.20 -12.99 23.37
CA LEU A 122 -6.74 -11.62 23.34
C LEU A 122 -7.11 -11.22 24.76
N PRO A 123 -6.49 -10.18 25.34
CA PRO A 123 -6.90 -9.72 26.66
C PRO A 123 -8.21 -8.92 26.56
N GLY A 124 -8.89 -8.75 27.69
CA GLY A 124 -9.94 -7.71 27.82
C GLY A 124 -9.37 -6.36 27.44
N PHE A 125 -10.22 -5.35 27.26
CA PHE A 125 -9.77 -3.97 26.99
C PHE A 125 -10.88 -2.96 27.27
N SER A 126 -10.43 -1.75 27.54
CA SER A 126 -11.28 -0.53 27.63
C SER A 126 -11.01 0.28 26.37
N ALA A 127 -12.05 0.68 25.64
CA ALA A 127 -11.86 1.55 24.45
C ALA A 127 -12.95 2.61 24.36
N VAL A 128 -12.54 3.76 23.82
CA VAL A 128 -13.45 4.83 23.35
C VAL A 128 -13.39 4.87 21.83
N VAL A 129 -14.57 4.95 21.24
CA VAL A 129 -14.83 5.08 19.79
C VAL A 129 -15.41 6.47 19.46
N VAL A 130 -14.72 7.15 18.55
CA VAL A 130 -14.99 8.50 18.01
C VAL A 130 -14.96 8.33 16.48
N SER A 131 -15.81 9.03 15.74
CA SER A 131 -15.82 8.89 14.27
C SER A 131 -16.30 10.19 13.65
N SER A 132 -15.75 10.54 12.50
CA SER A 132 -16.27 11.66 11.69
C SER A 132 -16.99 11.09 10.48
N VAL A 133 -17.06 9.77 10.34
CA VAL A 133 -17.84 9.13 9.23
C VAL A 133 -19.32 9.16 9.63
N PRO A 134 -20.21 9.77 8.81
CA PRO A 134 -21.62 9.88 9.17
C PRO A 134 -22.25 8.48 9.23
N LEU A 135 -22.83 8.13 10.37
CA LEU A 135 -23.40 6.79 10.64
C LEU A 135 -24.47 6.57 9.57
N GLY A 136 -24.29 5.55 8.72
CA GLY A 136 -25.31 5.14 7.75
C GLY A 136 -25.43 6.11 6.58
N GLY A 137 -24.44 6.98 6.37
CA GLY A 137 -24.42 7.95 5.25
C GLY A 137 -23.97 7.32 3.95
N GLY A 138 -23.63 6.03 3.98
CA GLY A 138 -23.15 5.28 2.81
C GLY A 138 -21.68 5.52 2.50
N LEU A 139 -20.88 5.99 3.46
CA LEU A 139 -19.40 6.14 3.33
C LEU A 139 -18.66 5.11 4.19
N SER A 140 -19.34 4.02 4.54
CA SER A 140 -18.78 2.81 5.21
C SER A 140 -18.29 3.16 6.60
N SER A 141 -19.12 3.85 7.37
CA SER A 141 -18.88 4.04 8.83
C SER A 141 -18.58 2.67 9.45
N SER A 142 -19.37 1.65 9.10
CA SER A 142 -19.31 0.28 9.71
C SER A 142 -17.96 -0.36 9.36
N ALA A 143 -17.50 -0.33 8.11
CA ALA A 143 -16.17 -0.88 7.75
C ALA A 143 -15.06 -0.16 8.54
N SER A 144 -15.17 1.17 8.70
CA SER A 144 -14.14 1.97 9.39
C SER A 144 -14.09 1.53 10.85
N LEU A 145 -15.23 1.23 11.48
CA LEU A 145 -15.30 0.74 12.88
C LEU A 145 -14.71 -0.68 12.94
N GLU A 146 -15.06 -1.55 12.00
CA GLU A 146 -14.55 -2.94 11.95
C GLU A 146 -13.02 -2.93 11.79
N VAL A 147 -12.49 -2.15 10.85
CA VAL A 147 -11.02 -2.10 10.55
C VAL A 147 -10.30 -1.41 11.72
N ALA A 148 -10.89 -0.39 12.33
CA ALA A 148 -10.27 0.25 13.51
C ALA A 148 -10.21 -0.76 14.65
N THR A 149 -11.28 -1.53 14.87
CA THR A 149 -11.34 -2.58 15.92
C THR A 149 -10.26 -3.61 15.62
N TYR A 150 -10.18 -4.10 14.42
CA TYR A 150 -9.15 -5.11 14.04
C TYR A 150 -7.76 -4.54 14.34
N THR A 151 -7.50 -3.29 13.92
CA THR A 151 -6.15 -2.67 14.03
C THR A 151 -5.82 -2.53 15.51
N PHE A 152 -6.85 -2.24 16.31
CA PHE A 152 -6.70 -2.10 17.78
C PHE A 152 -6.38 -3.47 18.37
N LEU A 153 -7.09 -4.53 17.98
CA LEU A 153 -6.80 -5.88 18.54
C LEU A 153 -5.39 -6.31 18.19
N GLN A 154 -4.84 -5.95 17.01
CA GLN A 154 -3.44 -6.23 16.63
C GLN A 154 -2.45 -5.63 17.66
N GLN A 155 -2.78 -4.49 18.26
CA GLN A 155 -1.90 -3.85 19.29
C GLN A 155 -2.01 -4.67 20.59
N LEU A 156 -3.16 -5.26 20.89
CA LEU A 156 -3.32 -6.13 22.11
C LEU A 156 -2.59 -7.45 21.86
N CYS A 157 -2.64 -7.96 20.64
CA CYS A 157 -2.27 -9.36 20.32
C CYS A 157 -1.99 -9.48 18.82
N PRO A 158 -0.72 -9.41 18.41
CA PRO A 158 -0.37 -9.39 16.98
C PRO A 158 -0.90 -10.57 16.16
N ASP A 159 -1.32 -10.31 14.94
CA ASP A 159 -1.81 -11.39 14.03
C ASP A 159 -0.64 -11.80 13.11
N SER A 160 -0.79 -12.79 12.26
CA SER A 160 0.36 -13.14 11.40
C SER A 160 -0.07 -13.50 9.97
N GLY A 161 -1.33 -13.25 9.59
CA GLY A 161 -1.81 -13.36 8.20
C GLY A 161 -1.50 -12.11 7.39
N THR A 162 -2.02 -11.98 6.16
CA THR A 162 -1.81 -10.75 5.35
C THR A 162 -3.00 -9.80 5.56
N ILE A 163 -2.95 -8.71 4.80
CA ILE A 163 -3.87 -7.55 4.90
C ILE A 163 -5.21 -8.07 4.39
N ALA A 164 -5.18 -8.91 3.35
CA ALA A 164 -6.39 -9.46 2.69
C ALA A 164 -7.20 -10.28 3.71
N ALA A 165 -6.56 -11.17 4.48
CA ALA A 165 -7.19 -11.99 5.55
C ALA A 165 -7.87 -11.09 6.60
N ARG A 166 -7.25 -9.95 6.89
CA ARG A 166 -7.80 -8.96 7.85
C ARG A 166 -9.11 -8.43 7.31
N ALA A 167 -9.14 -8.10 6.01
CA ALA A 167 -10.37 -7.60 5.38
C ALA A 167 -11.45 -8.68 5.50
N GLN A 168 -11.06 -9.96 5.33
CA GLN A 168 -12.01 -11.11 5.33
C GLN A 168 -12.57 -11.34 6.75
N VAL A 169 -11.75 -11.17 7.78
CA VAL A 169 -12.23 -11.24 9.18
C VAL A 169 -13.29 -10.14 9.38
N CYS A 170 -13.03 -8.91 8.91
CA CYS A 170 -13.96 -7.77 9.06
C CYS A 170 -15.25 -8.03 8.24
N GLN A 171 -15.10 -8.55 7.00
CA GLN A 171 -16.26 -8.95 6.16
C GLN A 171 -17.14 -9.96 6.91
N GLN A 172 -16.53 -10.99 7.51
CA GLN A 172 -17.23 -12.08 8.26
C GLN A 172 -17.98 -11.49 9.46
N ALA A 173 -17.42 -10.49 10.12
CA ALA A 173 -18.09 -9.80 11.26
C ALA A 173 -19.36 -9.09 10.76
N GLU A 174 -19.29 -8.48 9.59
CA GLU A 174 -20.44 -7.74 9.00
C GLU A 174 -21.53 -8.74 8.61
N HIS A 175 -21.15 -9.87 8.01
CA HIS A 175 -22.06 -10.97 7.62
C HIS A 175 -22.79 -11.49 8.86
N SER A 176 -22.04 -11.96 9.87
CA SER A 176 -22.60 -12.68 11.06
C SER A 176 -23.19 -11.70 12.07
N PHE A 177 -22.60 -10.52 12.29
CA PHE A 177 -22.98 -9.68 13.45
C PHE A 177 -23.86 -8.50 13.01
N ALA A 178 -23.82 -8.12 11.74
CA ALA A 178 -24.66 -7.02 11.22
C ALA A 178 -25.69 -7.58 10.23
N GLY A 179 -25.65 -8.89 9.95
CA GLY A 179 -26.58 -9.54 9.00
C GLY A 179 -26.47 -8.95 7.60
N MET A 180 -25.33 -8.38 7.23
CA MET A 180 -25.20 -7.65 5.94
C MET A 180 -24.22 -8.43 5.05
N PRO A 181 -24.70 -9.19 4.03
CA PRO A 181 -23.84 -10.10 3.28
C PRO A 181 -23.04 -9.31 2.25
N CYS A 182 -22.18 -8.42 2.73
CA CYS A 182 -21.40 -7.45 1.92
C CYS A 182 -20.27 -8.17 1.16
N GLY A 183 -19.74 -7.53 0.12
CA GLY A 183 -18.46 -7.91 -0.50
C GLY A 183 -17.28 -7.38 0.31
N ILE A 184 -16.10 -7.38 -0.31
CA ILE A 184 -14.78 -7.12 0.34
C ILE A 184 -14.40 -5.64 0.18
N MET A 185 -15.08 -4.85 -0.68
CA MET A 185 -14.59 -3.49 -1.04
C MET A 185 -14.33 -2.61 0.21
N ASP A 186 -15.32 -2.36 1.04
CA ASP A 186 -15.24 -1.31 2.09
C ASP A 186 -14.11 -1.63 3.08
N GLN A 187 -14.01 -2.90 3.49
CA GLN A 187 -12.94 -3.38 4.42
C GLN A 187 -11.59 -3.23 3.71
N PHE A 188 -11.48 -3.62 2.44
CA PHE A 188 -10.18 -3.57 1.72
C PHE A 188 -9.67 -2.15 1.66
N ILE A 189 -10.54 -1.21 1.27
CA ILE A 189 -10.12 0.20 1.03
C ILE A 189 -9.78 0.83 2.38
N SER A 190 -10.51 0.53 3.46
CA SER A 190 -10.21 1.11 4.79
C SER A 190 -8.81 0.65 5.23
N LEU A 191 -8.44 -0.59 4.94
CA LEU A 191 -7.09 -1.13 5.24
C LEU A 191 -6.00 -0.57 4.32
N MET A 192 -6.23 -0.54 3.01
N MET A 192 -6.22 -0.54 3.00
CA MET A 192 -5.12 -0.46 2.01
CA MET A 192 -5.11 -0.47 1.99
C MET A 192 -5.04 0.89 1.30
C MET A 192 -5.04 0.90 1.30
N GLY A 193 -5.92 1.84 1.62
CA GLY A 193 -5.91 3.20 1.05
C GLY A 193 -4.56 3.88 1.24
N GLN A 194 -4.17 4.73 0.30
CA GLN A 194 -3.00 5.65 0.46
C GLN A 194 -3.41 7.07 0.04
N LYS A 195 -2.90 8.08 0.75
CA LYS A 195 -3.06 9.52 0.38
C LYS A 195 -2.72 9.67 -1.11
N GLY A 196 -3.59 10.37 -1.85
CA GLY A 196 -3.36 10.68 -3.26
C GLY A 196 -3.51 9.48 -4.18
N HIS A 197 -4.14 8.39 -3.75
CA HIS A 197 -4.38 7.19 -4.59
C HIS A 197 -5.80 6.66 -4.46
N ALA A 198 -6.35 6.25 -5.59
CA ALA A 198 -7.49 5.32 -5.68
C ALA A 198 -6.92 3.91 -5.70
N LEU A 199 -7.74 2.94 -5.32
CA LEU A 199 -7.35 1.52 -5.22
C LEU A 199 -8.22 0.71 -6.19
N LEU A 200 -7.62 0.20 -7.28
CA LEU A 200 -8.30 -0.76 -8.22
C LEU A 200 -8.23 -2.14 -7.59
N ILE A 201 -9.36 -2.69 -7.15
CA ILE A 201 -9.43 -4.01 -6.47
C ILE A 201 -10.04 -5.01 -7.45
N ASP A 202 -9.29 -6.05 -7.77
CA ASP A 202 -9.82 -7.22 -8.49
C ASP A 202 -10.40 -8.14 -7.43
N CYS A 203 -11.72 -8.14 -7.25
CA CYS A 203 -12.35 -8.91 -6.16
C CYS A 203 -12.31 -10.40 -6.45
N ARG A 204 -11.86 -10.82 -7.62
CA ARG A 204 -11.70 -12.28 -7.86
C ARG A 204 -10.33 -12.74 -7.37
N SER A 205 -9.25 -12.11 -7.79
CA SER A 205 -7.87 -12.47 -7.39
C SER A 205 -7.45 -11.77 -6.09
N LEU A 206 -8.12 -10.70 -5.64
CA LEU A 206 -7.68 -9.78 -4.55
C LEU A 206 -6.36 -9.08 -4.90
N GLU A 207 -5.95 -9.05 -6.17
CA GLU A 207 -4.90 -8.15 -6.69
C GLU A 207 -5.41 -6.72 -6.55
N THR A 208 -4.55 -5.78 -6.19
CA THR A 208 -4.92 -4.36 -5.99
C THR A 208 -3.87 -3.52 -6.71
N SER A 209 -4.28 -2.44 -7.32
CA SER A 209 -3.35 -1.43 -7.86
C SER A 209 -3.64 -0.08 -7.24
N LEU A 210 -2.59 0.60 -6.79
CA LEU A 210 -2.70 1.98 -6.28
C LEU A 210 -2.50 2.91 -7.46
N VAL A 211 -3.57 3.59 -7.84
CA VAL A 211 -3.62 4.52 -9.01
C VAL A 211 -3.57 5.95 -8.50
N PRO A 212 -2.49 6.69 -8.83
CA PRO A 212 -2.33 8.06 -8.33
C PRO A 212 -3.44 9.02 -8.79
N LEU A 213 -3.91 9.91 -7.89
CA LEU A 213 -4.78 11.09 -8.16
C LEU A 213 -3.95 12.36 -7.92
N SER A 214 -3.23 12.86 -8.92
CA SER A 214 -2.22 13.93 -8.72
C SER A 214 -2.42 15.06 -9.72
N ASP A 215 -3.69 15.38 -10.01
CA ASP A 215 -4.09 16.59 -10.78
C ASP A 215 -4.80 17.53 -9.80
N PRO A 216 -4.12 18.58 -9.25
CA PRO A 216 -4.77 19.43 -8.25
C PRO A 216 -5.91 20.29 -8.86
N LYS A 217 -6.01 20.35 -10.19
CA LYS A 217 -7.13 21.02 -10.89
C LYS A 217 -8.42 20.19 -10.78
N LEU A 218 -8.32 18.88 -10.56
N LEU A 218 -8.29 18.89 -10.53
CA LEU A 218 -9.47 17.95 -10.44
CA LEU A 218 -9.39 17.91 -10.38
C LEU A 218 -9.83 17.81 -8.96
C LEU A 218 -9.83 17.87 -8.92
N ALA A 219 -11.12 17.67 -8.66
CA ALA A 219 -11.64 17.46 -7.28
C ALA A 219 -12.76 16.41 -7.28
N VAL A 220 -13.03 15.84 -6.10
CA VAL A 220 -14.14 14.87 -5.89
C VAL A 220 -15.09 15.47 -4.85
N LEU A 221 -16.30 15.83 -5.27
CA LEU A 221 -17.35 16.34 -4.35
C LEU A 221 -18.28 15.21 -3.97
N ILE A 222 -18.43 14.99 -2.67
CA ILE A 222 -19.40 14.02 -2.11
C ILE A 222 -20.61 14.79 -1.61
N THR A 223 -21.79 14.41 -2.11
CA THR A 223 -23.07 15.04 -1.72
C THR A 223 -23.87 13.99 -0.95
N ASN A 224 -24.05 14.23 0.36
CA ASN A 224 -24.90 13.39 1.22
C ASN A 224 -26.33 13.85 0.98
N SER A 225 -27.20 12.98 0.46
CA SER A 225 -28.65 13.22 0.30
C SER A 225 -29.30 13.43 1.68
N ASN A 226 -28.69 12.90 2.74
CA ASN A 226 -29.26 12.90 4.12
C ASN A 226 -30.63 12.22 4.06
N VAL A 227 -30.65 11.06 3.42
CA VAL A 227 -31.86 10.21 3.24
C VAL A 227 -31.36 8.77 3.26
N ARG A 228 -32.07 7.87 3.96
CA ARG A 228 -31.85 6.39 3.92
C ARG A 228 -33.22 5.68 3.91
N HIS A 229 -33.65 5.19 2.74
CA HIS A 229 -34.92 4.41 2.54
C HIS A 229 -34.76 3.03 3.20
N SER A 230 -35.86 2.37 3.62
CA SER A 230 -35.82 1.09 4.38
C SER A 230 -35.48 -0.09 3.46
N LEU A 231 -35.53 0.12 2.13
CA LEU A 231 -35.09 -0.82 1.05
C LEU A 231 -33.61 -1.20 1.25
N ALA A 232 -32.77 -0.27 1.73
CA ALA A 232 -31.30 -0.43 1.89
C ALA A 232 -30.94 -1.67 2.75
N SER A 233 -31.71 -1.94 3.82
CA SER A 233 -31.55 -3.14 4.69
C SER A 233 -31.95 -4.40 3.91
N SER A 234 -33.18 -4.38 3.39
CA SER A 234 -33.96 -5.56 2.93
C SER A 234 -33.50 -6.04 1.56
N GLU A 235 -33.03 -5.11 0.72
CA GLU A 235 -32.99 -5.27 -0.75
C GLU A 235 -31.58 -5.65 -1.21
N TYR A 236 -30.55 -5.27 -0.46
CA TYR A 236 -29.14 -5.67 -0.74
C TYR A 236 -29.07 -7.19 -0.86
N PRO A 237 -29.43 -8.02 0.16
CA PRO A 237 -29.32 -9.47 0.01
C PRO A 237 -30.17 -10.03 -1.13
N VAL A 238 -31.27 -9.36 -1.52
CA VAL A 238 -32.16 -9.77 -2.65
C VAL A 238 -31.43 -9.63 -4.00
N ARG A 239 -30.74 -8.52 -4.21
CA ARG A 239 -29.93 -8.27 -5.43
C ARG A 239 -28.79 -9.29 -5.50
N ARG A 240 -28.09 -9.48 -4.38
CA ARG A 240 -27.00 -10.47 -4.30
C ARG A 240 -27.55 -11.84 -4.74
N ARG A 241 -28.68 -12.28 -4.18
CA ARG A 241 -29.32 -13.59 -4.49
C ARG A 241 -29.68 -13.67 -5.98
N GLN A 242 -30.20 -12.59 -6.58
CA GLN A 242 -30.58 -12.63 -8.02
C GLN A 242 -29.29 -12.90 -8.81
N CYS A 243 -28.19 -12.17 -8.52
CA CYS A 243 -26.91 -12.30 -9.25
C CYS A 243 -26.48 -13.77 -9.21
N GLU A 244 -26.56 -14.40 -8.05
CA GLU A 244 -26.14 -15.82 -7.82
C GLU A 244 -27.00 -16.73 -8.70
N GLU A 245 -28.32 -16.61 -8.64
CA GLU A 245 -29.27 -17.42 -9.46
C GLU A 245 -28.90 -17.25 -10.94
N VAL A 246 -28.74 -16.03 -11.48
CA VAL A 246 -28.51 -15.91 -12.95
C VAL A 246 -27.13 -16.45 -13.31
N ALA A 247 -26.16 -16.48 -12.38
CA ALA A 247 -24.85 -17.11 -12.65
C ALA A 247 -25.03 -18.63 -12.73
N ARG A 248 -25.68 -19.26 -11.74
CA ARG A 248 -25.92 -20.73 -11.79
C ARG A 248 -26.62 -21.04 -13.11
N ALA A 249 -27.62 -20.23 -13.45
CA ALA A 249 -28.55 -20.44 -14.59
C ALA A 249 -27.81 -20.33 -15.93
N LEU A 250 -26.65 -19.64 -15.96
CA LEU A 250 -25.72 -19.53 -17.12
C LEU A 250 -24.55 -20.50 -16.95
N GLY A 251 -24.54 -21.32 -15.90
CA GLY A 251 -23.48 -22.31 -15.64
C GLY A 251 -22.12 -21.67 -15.43
N ALA A 252 -22.08 -20.48 -14.83
CA ALA A 252 -20.85 -19.72 -14.53
C ALA A 252 -20.62 -19.65 -13.02
N ALA A 253 -19.34 -19.61 -12.61
CA ALA A 253 -18.93 -19.57 -11.19
C ALA A 253 -19.40 -18.25 -10.56
N SER A 254 -19.39 -17.16 -11.33
CA SER A 254 -19.79 -15.79 -10.94
C SER A 254 -20.02 -14.96 -12.20
N LEU A 255 -20.60 -13.78 -12.04
CA LEU A 255 -20.90 -12.92 -13.20
C LEU A 255 -19.60 -12.33 -13.72
N ARG A 256 -18.52 -12.43 -12.97
CA ARG A 256 -17.19 -12.01 -13.48
C ARG A 256 -16.85 -12.88 -14.70
N GLU A 257 -17.27 -14.15 -14.72
CA GLU A 257 -16.92 -15.10 -15.80
C GLU A 257 -17.77 -14.88 -17.06
N VAL A 258 -18.70 -13.92 -17.09
CA VAL A 258 -19.69 -13.78 -18.20
C VAL A 258 -19.41 -12.48 -18.98
N GLN A 259 -19.07 -12.57 -20.27
CA GLN A 259 -18.82 -11.35 -21.07
C GLN A 259 -20.20 -10.77 -21.43
N LEU A 260 -20.27 -9.44 -21.56
CA LEU A 260 -21.50 -8.69 -21.90
C LEU A 260 -22.17 -9.25 -23.18
N GLU A 261 -21.41 -9.46 -24.25
CA GLU A 261 -21.96 -9.96 -25.54
C GLU A 261 -22.50 -11.36 -25.31
N GLU A 262 -21.86 -12.19 -24.47
CA GLU A 262 -22.37 -13.54 -24.14
C GLU A 262 -23.72 -13.41 -23.40
N LEU A 263 -23.78 -12.60 -22.35
CA LEU A 263 -25.01 -12.36 -21.54
C LEU A 263 -26.18 -11.99 -22.45
N GLU A 264 -25.97 -11.01 -23.35
CA GLU A 264 -27.00 -10.35 -24.23
C GLU A 264 -27.64 -11.37 -25.18
N ALA A 265 -26.94 -12.46 -25.47
CA ALA A 265 -27.43 -13.55 -26.35
C ALA A 265 -28.00 -14.70 -25.51
N ALA A 266 -27.97 -14.65 -24.17
CA ALA A 266 -28.49 -15.69 -23.26
C ALA A 266 -29.74 -15.18 -22.52
N ARG A 267 -30.39 -14.14 -23.07
CA ARG A 267 -31.65 -13.52 -22.54
C ARG A 267 -32.66 -14.60 -22.13
N ASP A 268 -32.72 -15.76 -22.81
CA ASP A 268 -33.76 -16.82 -22.64
C ASP A 268 -33.43 -17.82 -21.53
N LEU A 269 -32.23 -17.76 -20.99
CA LEU A 269 -31.80 -18.67 -19.89
C LEU A 269 -32.27 -18.09 -18.55
N VAL A 270 -32.60 -16.80 -18.47
CA VAL A 270 -32.83 -16.12 -17.17
C VAL A 270 -34.10 -15.24 -17.17
N SER A 271 -34.57 -14.84 -15.98
CA SER A 271 -35.78 -13.99 -15.80
C SER A 271 -35.47 -12.62 -16.37
N LYS A 272 -36.47 -11.83 -16.78
CA LYS A 272 -36.21 -10.49 -17.38
C LYS A 272 -35.50 -9.64 -16.31
N GLU A 273 -35.98 -9.74 -15.06
CA GLU A 273 -35.38 -9.01 -13.91
C GLU A 273 -33.93 -9.44 -13.74
N GLY A 274 -33.70 -10.74 -13.48
CA GLY A 274 -32.38 -11.37 -13.45
C GLY A 274 -31.49 -10.81 -14.55
N PHE A 275 -32.00 -10.70 -15.77
CA PHE A 275 -31.20 -10.30 -16.96
C PHE A 275 -30.71 -8.86 -16.77
N ARG A 276 -31.58 -8.00 -16.24
CA ARG A 276 -31.27 -6.55 -16.07
C ARG A 276 -30.23 -6.39 -14.96
N ARG A 277 -30.34 -7.18 -13.88
CA ARG A 277 -29.37 -7.16 -12.76
C ARG A 277 -27.99 -7.52 -13.31
N ALA A 278 -27.89 -8.62 -14.06
CA ALA A 278 -26.61 -9.11 -14.61
C ALA A 278 -26.07 -8.12 -15.65
N ARG A 279 -26.96 -7.47 -16.42
CA ARG A 279 -26.48 -6.49 -17.42
C ARG A 279 -25.79 -5.31 -16.72
N HIS A 280 -26.39 -4.77 -15.68
CA HIS A 280 -25.70 -3.80 -14.79
C HIS A 280 -24.33 -4.36 -14.38
N VAL A 281 -24.32 -5.53 -13.70
CA VAL A 281 -23.07 -6.07 -13.08
C VAL A 281 -22.01 -6.27 -14.18
N VAL A 282 -22.33 -7.01 -15.21
CA VAL A 282 -21.32 -7.39 -16.24
C VAL A 282 -20.79 -6.11 -16.90
N GLY A 283 -21.69 -5.15 -17.17
CA GLY A 283 -21.31 -3.87 -17.82
C GLY A 283 -20.47 -3.01 -16.88
N GLU A 284 -20.78 -3.03 -15.60
CA GLU A 284 -20.10 -2.20 -14.57
C GLU A 284 -18.68 -2.70 -14.43
N ILE A 285 -18.46 -4.02 -14.55
CA ILE A 285 -17.08 -4.59 -14.48
C ILE A 285 -16.28 -4.04 -15.68
N ARG A 286 -16.88 -3.98 -16.86
CA ARG A 286 -16.20 -3.44 -18.07
C ARG A 286 -15.92 -1.95 -17.86
N ARG A 287 -16.93 -1.19 -17.40
CA ARG A 287 -16.81 0.27 -17.17
C ARG A 287 -15.68 0.55 -16.16
N THR A 288 -15.54 -0.28 -15.14
CA THR A 288 -14.50 -0.10 -14.09
C THR A 288 -13.10 -0.23 -14.73
N ALA A 289 -12.88 -1.21 -15.58
CA ALA A 289 -11.56 -1.40 -16.24
C ALA A 289 -11.33 -0.20 -17.15
N GLN A 290 -12.37 0.23 -17.87
CA GLN A 290 -12.25 1.37 -18.82
C GLN A 290 -11.95 2.66 -18.04
N ALA A 291 -12.53 2.81 -16.84
CA ALA A 291 -12.38 3.99 -15.97
C ALA A 291 -10.95 4.08 -15.42
N ALA A 292 -10.39 2.96 -14.97
CA ALA A 292 -8.99 2.89 -14.51
C ALA A 292 -8.07 3.36 -15.63
N ALA A 293 -8.25 2.82 -16.85
CA ALA A 293 -7.42 3.17 -18.02
C ALA A 293 -7.55 4.66 -18.31
N ALA A 294 -8.74 5.23 -18.12
CA ALA A 294 -9.01 6.66 -18.35
C ALA A 294 -8.30 7.51 -17.28
N LEU A 295 -8.33 7.08 -16.02
CA LEU A 295 -7.58 7.75 -14.93
C LEU A 295 -6.09 7.79 -15.30
N ARG A 296 -5.49 6.63 -15.54
CA ARG A 296 -4.06 6.47 -15.94
C ARG A 296 -3.70 7.34 -17.14
N ARG A 297 -4.63 7.55 -18.07
CA ARG A 297 -4.40 8.32 -19.31
C ARG A 297 -4.58 9.80 -18.97
N GLY A 298 -5.24 10.13 -17.85
CA GLY A 298 -5.62 11.51 -17.47
C GLY A 298 -6.87 12.02 -18.21
N ASP A 299 -7.70 11.12 -18.75
CA ASP A 299 -8.95 11.47 -19.48
C ASP A 299 -10.11 11.50 -18.48
N TYR A 300 -10.28 12.63 -17.79
CA TYR A 300 -11.32 12.84 -16.74
C TYR A 300 -12.69 13.01 -17.42
N ARG A 301 -12.73 13.47 -18.67
CA ARG A 301 -14.00 13.52 -19.47
C ARG A 301 -14.51 12.10 -19.70
N ALA A 302 -13.65 11.18 -20.16
CA ALA A 302 -14.00 9.76 -20.36
C ALA A 302 -14.39 9.17 -19.00
N PHE A 303 -13.60 9.44 -17.97
CA PHE A 303 -13.92 8.93 -16.62
C PHE A 303 -15.34 9.40 -16.25
N GLY A 304 -15.66 10.68 -16.47
CA GLY A 304 -16.94 11.29 -16.11
C GLY A 304 -18.10 10.62 -16.82
N ARG A 305 -17.96 10.40 -18.13
CA ARG A 305 -19.04 9.76 -18.92
C ARG A 305 -19.31 8.36 -18.33
N LEU A 306 -18.27 7.57 -18.04
CA LEU A 306 -18.42 6.21 -17.43
C LEU A 306 -19.16 6.32 -16.09
N MET A 307 -18.88 7.36 -15.29
CA MET A 307 -19.58 7.57 -13.99
C MET A 307 -21.09 7.68 -14.26
N VAL A 308 -21.47 8.43 -15.30
CA VAL A 308 -22.91 8.69 -15.63
C VAL A 308 -23.57 7.38 -16.13
N GLU A 309 -22.91 6.62 -17.01
CA GLU A 309 -23.40 5.31 -17.50
C GLU A 309 -23.66 4.44 -16.26
N SER A 310 -22.70 4.40 -15.35
CA SER A 310 -22.83 3.63 -14.08
C SER A 310 -24.10 4.04 -13.33
N HIS A 311 -24.35 5.34 -13.22
CA HIS A 311 -25.54 5.86 -12.51
C HIS A 311 -26.80 5.35 -13.19
N ARG A 312 -26.90 5.57 -14.50
CA ARG A 312 -28.08 5.14 -15.32
C ARG A 312 -28.32 3.65 -15.13
N SER A 313 -27.25 2.84 -15.18
CA SER A 313 -27.28 1.35 -15.01
C SER A 313 -27.85 0.99 -13.63
N LEU A 314 -27.30 1.57 -12.56
CA LEU A 314 -27.75 1.35 -11.16
C LEU A 314 -29.22 1.76 -11.01
N ARG A 315 -29.56 2.86 -11.67
CA ARG A 315 -30.90 3.48 -11.60
C ARG A 315 -31.92 2.57 -12.29
N ASP A 316 -31.65 2.11 -13.51
CA ASP A 316 -32.67 1.45 -14.38
C ASP A 316 -32.53 -0.08 -14.34
N ASP A 317 -31.32 -0.61 -14.52
CA ASP A 317 -31.08 -2.07 -14.59
C ASP A 317 -31.04 -2.66 -13.16
N TYR A 318 -30.27 -2.07 -12.23
CA TYR A 318 -30.07 -2.65 -10.88
C TYR A 318 -31.13 -2.13 -9.90
N GLU A 319 -31.76 -1.00 -10.22
CA GLU A 319 -32.85 -0.38 -9.40
C GLU A 319 -32.41 -0.24 -7.93
N VAL A 320 -31.31 0.45 -7.65
CA VAL A 320 -30.90 0.70 -6.24
C VAL A 320 -30.64 2.18 -6.04
N SER A 321 -31.06 3.04 -6.97
CA SER A 321 -31.03 4.51 -6.79
C SER A 321 -32.30 4.91 -6.05
N CYS A 322 -32.63 6.19 -6.04
CA CYS A 322 -33.87 6.71 -5.43
C CYS A 322 -34.06 8.14 -5.94
N PRO A 323 -35.25 8.73 -5.78
CA PRO A 323 -35.55 10.04 -6.38
C PRO A 323 -34.54 11.13 -5.98
N GLU A 324 -34.06 11.10 -4.73
CA GLU A 324 -33.16 12.11 -4.13
C GLU A 324 -31.78 12.02 -4.82
N LEU A 325 -31.25 10.80 -4.95
CA LEU A 325 -29.94 10.57 -5.62
C LEU A 325 -30.02 11.04 -7.07
N ASP A 326 -31.10 10.69 -7.76
CA ASP A 326 -31.30 11.04 -9.19
C ASP A 326 -31.35 12.56 -9.36
N GLN A 327 -32.11 13.23 -8.51
CA GLN A 327 -32.22 14.72 -8.53
C GLN A 327 -30.83 15.31 -8.34
N LEU A 328 -30.06 14.78 -7.38
CA LEU A 328 -28.69 15.29 -7.03
C LEU A 328 -27.73 15.07 -8.20
N VAL A 329 -27.81 13.91 -8.87
CA VAL A 329 -26.97 13.60 -10.06
C VAL A 329 -27.33 14.58 -11.18
N GLU A 330 -28.61 14.66 -11.57
CA GLU A 330 -29.03 15.52 -12.70
C GLU A 330 -28.63 16.95 -12.34
N ALA A 331 -28.79 17.36 -11.07
CA ALA A 331 -28.43 18.72 -10.61
C ALA A 331 -26.93 18.96 -10.87
N ALA A 332 -26.05 18.03 -10.48
CA ALA A 332 -24.57 18.15 -10.62
C ALA A 332 -24.17 18.24 -12.10
N LEU A 333 -24.71 17.36 -12.95
CA LEU A 333 -24.33 17.27 -14.39
C LEU A 333 -24.64 18.59 -15.11
N ALA A 334 -25.61 19.33 -14.61
CA ALA A 334 -26.04 20.64 -15.15
C ALA A 334 -24.96 21.71 -14.86
N VAL A 335 -23.98 21.46 -13.99
CA VAL A 335 -23.02 22.51 -13.56
C VAL A 335 -21.80 22.47 -14.48
N PRO A 336 -21.41 23.60 -15.11
CA PRO A 336 -20.17 23.64 -15.89
C PRO A 336 -18.95 23.33 -14.99
N GLY A 337 -18.08 22.43 -15.48
CA GLY A 337 -16.87 21.97 -14.77
C GLY A 337 -17.03 20.57 -14.19
N VAL A 338 -18.25 20.03 -14.19
CA VAL A 338 -18.56 18.66 -13.68
C VAL A 338 -18.35 17.65 -14.82
N TYR A 339 -17.44 16.69 -14.66
CA TYR A 339 -17.20 15.66 -15.71
C TYR A 339 -18.23 14.54 -15.54
N GLY A 340 -18.65 14.22 -14.33
CA GLY A 340 -19.63 13.15 -14.11
C GLY A 340 -20.09 13.11 -12.67
N SER A 341 -21.19 12.42 -12.43
CA SER A 341 -21.77 12.27 -11.08
C SER A 341 -22.55 10.96 -11.05
N ARG A 342 -22.65 10.33 -9.88
CA ARG A 342 -23.33 9.02 -9.73
C ARG A 342 -23.57 8.75 -8.24
N MET A 343 -24.64 8.02 -7.90
CA MET A 343 -24.76 7.40 -6.56
C MET A 343 -23.50 6.57 -6.28
N THR A 344 -23.09 6.49 -5.02
CA THR A 344 -21.95 5.65 -4.55
C THR A 344 -22.46 4.79 -3.40
N GLY A 345 -21.81 3.65 -3.16
CA GLY A 345 -22.19 2.68 -2.14
C GLY A 345 -23.43 1.89 -2.51
N GLY A 346 -24.13 1.40 -1.48
CA GLY A 346 -25.22 0.42 -1.63
C GLY A 346 -26.42 0.99 -2.39
N GLY A 347 -26.73 2.27 -2.21
CA GLY A 347 -27.93 2.91 -2.78
C GLY A 347 -29.09 3.03 -1.80
N PHE A 348 -30.25 3.42 -2.31
CA PHE A 348 -31.54 3.60 -1.57
C PHE A 348 -31.37 4.75 -0.58
N GLY A 349 -30.44 5.67 -0.89
CA GLY A 349 -30.07 6.81 -0.03
C GLY A 349 -28.58 7.07 -0.07
N GLY A 350 -28.09 7.88 0.87
CA GLY A 350 -26.66 8.19 1.03
C GLY A 350 -26.17 9.24 0.05
N CYS A 351 -24.98 8.98 -0.49
CA CYS A 351 -24.14 10.00 -1.18
C CYS A 351 -24.09 9.74 -2.68
N THR A 352 -23.94 10.82 -3.43
CA THR A 352 -23.39 10.81 -4.80
C THR A 352 -21.93 11.23 -4.73
N VAL A 353 -21.15 10.78 -5.69
CA VAL A 353 -19.76 11.26 -5.93
C VAL A 353 -19.74 11.99 -7.29
N THR A 354 -19.04 13.11 -7.36
CA THR A 354 -19.01 14.02 -8.53
C THR A 354 -17.53 14.36 -8.81
N LEU A 355 -17.04 14.11 -10.01
CA LEU A 355 -15.68 14.50 -10.45
C LEU A 355 -15.80 15.84 -11.20
N LEU A 356 -15.13 16.89 -10.73
CA LEU A 356 -15.24 18.27 -11.31
C LEU A 356 -13.91 19.00 -11.21
N GLU A 357 -13.74 20.05 -12.02
CA GLU A 357 -12.78 21.15 -11.80
C GLU A 357 -12.89 21.62 -10.34
N ALA A 358 -11.78 21.60 -9.61
CA ALA A 358 -11.66 22.21 -8.26
C ALA A 358 -12.36 23.57 -8.27
N SER A 359 -12.03 24.46 -9.21
CA SER A 359 -12.56 25.85 -9.23
C SER A 359 -14.10 25.88 -9.30
N ALA A 360 -14.76 24.81 -9.76
CA ALA A 360 -16.23 24.78 -9.95
C ALA A 360 -16.96 24.33 -8.67
N ALA A 361 -16.24 23.74 -7.71
CA ALA A 361 -16.84 23.10 -6.51
C ALA A 361 -17.76 24.08 -5.80
N PRO A 362 -17.36 25.35 -5.56
CA PRO A 362 -18.25 26.32 -4.90
C PRO A 362 -19.58 26.49 -5.67
N HIS A 363 -19.55 26.71 -7.00
CA HIS A 363 -20.78 26.84 -7.85
C HIS A 363 -21.61 25.54 -7.77
N ALA A 364 -20.96 24.38 -7.81
CA ALA A 364 -21.64 23.07 -7.76
C ALA A 364 -22.45 22.98 -6.45
N MET A 365 -21.84 23.31 -5.32
CA MET A 365 -22.51 23.17 -4.00
C MET A 365 -23.74 24.10 -3.96
N ARG A 366 -23.66 25.31 -4.52
CA ARG A 366 -24.81 26.25 -4.57
C ARG A 366 -25.89 25.68 -5.50
N HIS A 367 -25.55 25.28 -6.73
CA HIS A 367 -26.54 24.79 -7.73
C HIS A 367 -27.24 23.55 -7.18
N ILE A 368 -26.47 22.58 -6.68
CA ILE A 368 -27.01 21.28 -6.19
C ILE A 368 -27.96 21.56 -5.03
N GLN A 369 -27.57 22.36 -4.04
CA GLN A 369 -28.42 22.59 -2.84
C GLN A 369 -29.72 23.27 -3.24
N GLU A 370 -29.63 24.23 -4.17
CA GLU A 370 -30.75 25.05 -4.71
C GLU A 370 -31.75 24.15 -5.42
N HIS A 371 -31.26 23.15 -6.14
CA HIS A 371 -32.03 22.25 -7.03
C HIS A 371 -32.33 20.91 -6.35
N TYR A 372 -32.11 20.78 -5.03
CA TYR A 372 -32.37 19.55 -4.26
C TYR A 372 -33.57 19.75 -3.31
N GLY A 373 -34.57 18.88 -3.47
CA GLY A 373 -35.81 18.85 -2.66
C GLY A 373 -35.52 18.77 -1.17
N GLY A 374 -34.46 18.07 -0.76
CA GLY A 374 -34.09 17.89 0.66
C GLY A 374 -33.01 18.85 1.13
N THR A 375 -32.17 18.41 2.08
CA THR A 375 -31.02 19.18 2.64
C THR A 375 -29.72 18.41 2.41
N ALA A 376 -28.99 18.81 1.38
CA ALA A 376 -27.68 18.23 1.03
C ALA A 376 -26.63 18.70 2.04
N THR A 377 -25.72 17.79 2.42
CA THR A 377 -24.38 18.07 3.01
C THR A 377 -23.30 17.78 1.96
N PHE A 378 -22.15 18.41 2.07
CA PHE A 378 -21.03 18.24 1.11
C PHE A 378 -19.73 17.91 1.84
N TYR A 379 -18.93 17.04 1.26
CA TYR A 379 -17.50 16.88 1.62
C TYR A 379 -16.69 17.04 0.35
N LEU A 380 -15.62 17.82 0.41
CA LEU A 380 -14.58 17.84 -0.65
C LEU A 380 -13.45 16.95 -0.17
N SER A 381 -13.54 15.62 -0.26
CA SER A 381 -12.45 14.80 0.33
C SER A 381 -11.49 14.45 -0.78
N GLN A 382 -10.20 14.47 -0.44
CA GLN A 382 -9.06 13.88 -1.19
C GLN A 382 -8.85 12.45 -0.71
N ALA A 383 -8.21 11.63 -1.54
CA ALA A 383 -7.77 10.24 -1.23
C ALA A 383 -6.90 10.27 0.04
N ALA A 384 -7.31 9.55 1.06
CA ALA A 384 -6.62 9.47 2.36
C ALA A 384 -5.87 8.14 2.45
N ASP A 385 -5.04 8.06 3.50
CA ASP A 385 -4.35 6.86 4.00
C ASP A 385 -5.38 5.85 4.57
N GLY A 386 -5.00 4.58 4.57
CA GLY A 386 -5.76 3.53 5.24
C GLY A 386 -5.47 3.50 6.73
N ALA A 387 -5.87 2.41 7.33
CA ALA A 387 -5.73 2.11 8.77
C ALA A 387 -4.29 2.35 9.23
N LYS A 388 -4.13 2.98 10.39
CA LYS A 388 -2.82 3.25 11.02
C LYS A 388 -2.88 3.01 12.52
N VAL A 389 -1.70 2.75 13.09
CA VAL A 389 -1.49 2.89 14.55
C VAL A 389 -1.15 4.34 14.82
N LEU A 390 -1.57 4.87 15.96
CA LEU A 390 -1.19 6.22 16.45
C LEU A 390 -0.54 6.04 17.82
N CYS A 391 0.70 6.51 17.97
CA CYS A 391 1.53 6.37 19.19
C CYS A 391 1.04 7.44 20.14
N LEU A 392 0.60 7.02 21.32
CA LEU A 392 0.31 7.91 22.46
C LEU A 392 1.56 8.02 23.35
N ALA B 2 22.95 -24.09 6.05
CA ALA B 2 22.15 -23.40 7.10
C ALA B 2 22.05 -21.91 6.74
N ALA B 3 20.83 -21.38 6.67
CA ALA B 3 20.52 -19.98 6.36
C ALA B 3 20.69 -19.12 7.62
N LEU B 4 20.98 -17.83 7.42
CA LEU B 4 21.36 -16.86 8.48
C LEU B 4 20.10 -16.44 9.24
N ARG B 5 20.06 -16.68 10.56
CA ARG B 5 18.93 -16.24 11.42
C ARG B 5 18.80 -14.72 11.24
N GLN B 6 17.62 -14.27 10.79
CA GLN B 6 17.25 -12.84 10.58
C GLN B 6 16.69 -12.29 11.89
N PRO B 7 17.42 -11.40 12.59
CA PRO B 7 16.95 -10.89 13.87
C PRO B 7 15.60 -10.22 13.60
N GLN B 8 14.59 -10.61 14.37
CA GLN B 8 13.24 -9.98 14.39
C GLN B 8 13.37 -8.53 14.84
N VAL B 9 12.27 -7.79 14.73
CA VAL B 9 12.24 -6.33 14.98
C VAL B 9 12.41 -6.10 16.49
N ALA B 10 11.76 -6.87 17.38
CA ALA B 10 11.79 -6.65 18.86
C ALA B 10 13.23 -6.73 19.38
N GLU B 11 14.08 -7.48 18.66
CA GLU B 11 15.50 -7.80 18.97
C GLU B 11 16.38 -6.59 18.57
N LEU B 12 16.33 -6.14 17.32
CA LEU B 12 17.08 -4.93 16.87
C LEU B 12 16.73 -3.73 17.78
N LEU B 13 15.44 -3.53 18.08
CA LEU B 13 14.85 -2.46 18.93
C LEU B 13 15.46 -2.53 20.34
N ALA B 14 15.64 -3.72 20.88
CA ALA B 14 16.15 -3.95 22.26
C ALA B 14 17.63 -3.52 22.28
N GLU B 15 18.41 -3.93 21.26
CA GLU B 15 19.83 -3.52 21.07
C GLU B 15 19.90 -2.00 20.90
N ALA B 16 18.96 -1.40 20.15
CA ALA B 16 18.92 0.06 19.87
C ALA B 16 18.61 0.83 21.15
N ARG B 17 17.62 0.38 21.95
CA ARG B 17 17.35 1.02 23.28
C ARG B 17 18.58 0.91 24.20
N ARG B 18 19.19 -0.26 24.33
CA ARG B 18 20.33 -0.43 25.26
C ARG B 18 21.41 0.59 24.86
N ALA B 19 21.85 0.63 23.59
CA ALA B 19 22.96 1.50 23.16
C ALA B 19 22.54 2.96 23.37
N PHE B 20 21.25 3.28 23.22
CA PHE B 20 20.70 4.65 23.38
C PHE B 20 20.69 5.03 24.87
N ARG B 21 20.12 4.16 25.71
CA ARG B 21 20.01 4.33 27.18
C ARG B 21 21.42 4.58 27.72
N GLU B 22 22.40 3.79 27.28
CA GLU B 22 23.84 3.92 27.65
C GLU B 22 24.40 5.26 27.15
N GLU B 23 24.05 5.68 25.94
CA GLU B 23 24.70 6.82 25.23
C GLU B 23 24.19 8.18 25.71
N PHE B 24 22.87 8.33 25.90
CA PHE B 24 22.19 9.64 26.10
C PHE B 24 21.62 9.77 27.51
N GLY B 25 21.69 8.69 28.29
CA GLY B 25 21.34 8.66 29.71
C GLY B 25 19.84 8.62 29.93
N ALA B 26 19.03 8.22 28.96
CA ALA B 26 17.57 8.03 29.17
C ALA B 26 16.97 7.15 28.08
N GLU B 27 15.74 6.68 28.28
CA GLU B 27 15.02 5.82 27.32
C GLU B 27 14.68 6.68 26.11
N PRO B 28 14.80 6.15 24.88
CA PRO B 28 14.38 6.87 23.68
C PRO B 28 12.86 6.99 23.73
N GLU B 29 12.31 8.06 23.17
CA GLU B 29 10.86 8.37 23.16
C GLU B 29 10.22 7.76 21.93
N LEU B 30 10.94 7.66 20.81
CA LEU B 30 10.37 7.34 19.47
C LEU B 30 11.13 6.19 18.85
N ALA B 31 10.51 5.48 17.92
CA ALA B 31 11.19 4.39 17.19
C ALA B 31 10.48 4.08 15.86
N VAL B 32 11.28 3.64 14.89
CA VAL B 32 10.82 3.29 13.52
C VAL B 32 11.66 2.13 12.97
N SER B 33 11.14 1.45 11.96
CA SER B 33 11.84 0.42 11.17
C SER B 33 11.58 0.66 9.69
N ALA B 34 12.57 0.34 8.88
CA ALA B 34 12.45 0.34 7.41
C ALA B 34 13.29 -0.78 6.87
N PRO B 35 12.75 -1.63 5.97
CA PRO B 35 13.47 -2.79 5.46
C PRO B 35 14.40 -2.50 4.29
N GLY B 36 15.33 -3.41 4.08
CA GLY B 36 15.95 -3.71 2.78
C GLY B 36 14.97 -4.40 1.84
N ARG B 37 15.51 -4.91 0.75
CA ARG B 37 14.71 -5.34 -0.42
C ARG B 37 15.58 -6.25 -1.27
N VAL B 38 14.94 -7.21 -1.94
CA VAL B 38 15.55 -7.95 -3.07
C VAL B 38 14.68 -7.67 -4.30
N ASN B 39 15.30 -7.38 -5.44
CA ASN B 39 14.57 -7.22 -6.71
C ASN B 39 14.45 -8.62 -7.33
N LEU B 40 13.23 -9.05 -7.63
CA LEU B 40 12.99 -10.39 -8.22
C LEU B 40 13.39 -10.32 -9.69
N ILE B 41 13.08 -9.21 -10.35
CA ILE B 41 13.46 -8.95 -11.77
C ILE B 41 13.16 -7.49 -12.09
N GLY B 42 13.84 -6.93 -13.09
CA GLY B 42 13.68 -5.52 -13.49
C GLY B 42 14.89 -4.72 -13.07
N GLU B 43 16.07 -5.15 -13.50
CA GLU B 43 17.31 -4.51 -13.07
C GLU B 43 17.71 -3.46 -14.10
N HIS B 44 18.14 -2.31 -13.58
CA HIS B 44 18.67 -1.14 -14.32
C HIS B 44 17.57 -0.57 -15.22
N THR B 45 16.31 -0.71 -14.78
CA THR B 45 15.11 -0.19 -15.49
C THR B 45 14.53 1.01 -14.74
N ASP B 46 14.77 1.17 -13.43
CA ASP B 46 14.03 2.20 -12.63
C ASP B 46 14.44 3.61 -13.09
N TYR B 47 15.72 3.88 -13.35
CA TYR B 47 16.16 5.24 -13.78
C TYR B 47 15.84 5.44 -15.25
N ASN B 48 15.30 4.42 -15.91
CA ASN B 48 14.85 4.43 -17.32
C ASN B 48 13.31 4.43 -17.38
N GLN B 49 12.63 4.83 -16.29
CA GLN B 49 11.15 4.90 -16.20
C GLN B 49 10.58 3.52 -16.52
N GLY B 50 11.33 2.48 -16.17
CA GLY B 50 10.93 1.08 -16.43
C GLY B 50 9.97 0.54 -15.37
N LEU B 51 9.89 -0.78 -15.32
CA LEU B 51 9.13 -1.59 -14.34
C LEU B 51 10.14 -2.40 -13.53
N VAL B 52 9.89 -2.55 -12.24
CA VAL B 52 10.68 -3.44 -11.35
C VAL B 52 9.69 -4.22 -10.52
N LEU B 53 10.16 -5.35 -10.00
CA LEU B 53 9.35 -6.30 -9.20
C LEU B 53 10.10 -6.69 -7.93
N PRO B 54 10.33 -5.77 -6.98
CA PRO B 54 10.93 -6.15 -5.71
C PRO B 54 9.96 -6.60 -4.60
N MET B 55 10.51 -7.19 -3.55
CA MET B 55 9.80 -7.37 -2.25
C MET B 55 10.70 -6.85 -1.12
N ALA B 56 10.07 -6.31 -0.08
CA ALA B 56 10.75 -5.95 1.19
C ALA B 56 11.15 -7.25 1.91
N LEU B 57 12.28 -7.19 2.63
CA LEU B 57 12.87 -8.29 3.44
C LEU B 57 12.58 -8.08 4.94
N GLU B 58 12.86 -9.08 5.76
CA GLU B 58 12.79 -8.93 7.24
C GLU B 58 14.13 -8.42 7.76
N LEU B 59 15.16 -8.40 6.90
CA LEU B 59 16.42 -7.65 7.16
C LEU B 59 16.10 -6.16 7.17
N MET B 60 16.32 -5.45 8.27
CA MET B 60 15.81 -4.07 8.39
C MET B 60 16.79 -3.16 9.15
N THR B 61 16.49 -1.87 9.10
CA THR B 61 17.13 -0.79 9.90
C THR B 61 16.09 -0.25 10.89
N VAL B 62 16.55 -0.07 12.11
CA VAL B 62 15.73 0.40 13.24
C VAL B 62 16.36 1.69 13.76
N LEU B 63 15.58 2.76 13.85
CA LEU B 63 15.97 4.03 14.53
C LEU B 63 15.14 4.19 15.78
N VAL B 64 15.82 4.54 16.88
CA VAL B 64 15.17 5.04 18.12
C VAL B 64 15.78 6.39 18.46
N GLY B 65 15.00 7.26 19.06
CA GLY B 65 15.49 8.59 19.42
C GLY B 65 14.46 9.40 20.16
N SER B 66 14.87 10.61 20.47
CA SER B 66 14.03 11.62 21.15
C SER B 66 14.32 12.98 20.55
N PRO B 67 13.33 13.87 20.52
CA PRO B 67 13.58 15.27 20.21
C PRO B 67 14.51 15.94 21.22
N ARG B 68 15.30 16.89 20.73
CA ARG B 68 16.18 17.78 21.53
C ARG B 68 15.62 19.21 21.46
N LYS B 69 16.09 20.11 22.31
CA LYS B 69 15.63 21.50 22.26
C LYS B 69 16.69 22.43 21.64
N ASP B 70 17.88 21.91 21.38
CA ASP B 70 19.06 22.77 21.08
C ASP B 70 19.32 22.83 19.57
N GLY B 71 18.52 22.26 18.71
CA GLY B 71 18.79 22.38 17.26
C GLY B 71 19.98 21.55 16.76
N LEU B 72 20.56 20.65 17.55
CA LEU B 72 21.61 19.68 17.13
C LEU B 72 21.02 18.32 16.80
N VAL B 73 21.76 17.58 15.98
CA VAL B 73 21.53 16.14 15.70
C VAL B 73 22.73 15.37 16.26
N SER B 74 22.46 14.38 17.11
CA SER B 74 23.45 13.48 17.74
C SER B 74 23.07 12.04 17.40
N LEU B 75 23.92 11.37 16.61
CA LEU B 75 23.73 10.01 16.07
C LEU B 75 24.75 9.05 16.68
N LEU B 76 24.36 7.79 16.86
CA LEU B 76 25.24 6.63 17.16
C LEU B 76 24.73 5.48 16.30
N THR B 77 25.62 4.72 15.69
CA THR B 77 25.24 3.47 14.98
C THR B 77 26.06 2.34 15.59
N THR B 78 25.45 1.17 15.82
CA THR B 78 26.13 -0.08 16.24
C THR B 78 26.60 -0.87 15.01
N SER B 79 26.10 -0.53 13.83
CA SER B 79 26.46 -1.19 12.55
C SER B 79 27.99 -1.28 12.50
N GLU B 80 28.53 -2.48 12.43
CA GLU B 80 29.98 -2.73 12.67
C GLU B 80 30.70 -2.76 11.31
N GLY B 81 29.96 -2.86 10.19
CA GLY B 81 30.43 -2.43 8.86
C GLY B 81 30.66 -0.92 8.76
N ALA B 82 29.89 -0.08 9.46
CA ALA B 82 29.89 1.40 9.28
C ALA B 82 31.31 1.95 9.47
N ASP B 83 31.70 2.98 8.72
CA ASP B 83 33.05 3.62 8.84
C ASP B 83 33.08 4.44 10.13
N GLU B 84 34.29 4.66 10.68
CA GLU B 84 34.54 5.41 11.93
C GLU B 84 34.45 6.91 11.68
N PRO B 85 34.02 7.69 12.67
CA PRO B 85 33.54 7.14 13.95
C PRO B 85 32.08 6.67 13.88
N GLN B 86 31.69 5.87 14.87
CA GLN B 86 30.34 5.31 15.07
C GLN B 86 29.38 6.42 15.47
N ARG B 87 29.92 7.51 15.99
CA ARG B 87 29.13 8.66 16.49
C ARG B 87 29.40 9.90 15.65
N LEU B 88 28.40 10.73 15.53
CA LEU B 88 28.51 12.01 14.80
C LEU B 88 27.47 12.98 15.34
N GLN B 89 27.86 14.24 15.49
CA GLN B 89 26.93 15.35 15.78
C GLN B 89 27.12 16.46 14.74
N PHE B 90 26.03 17.12 14.38
CA PHE B 90 26.02 18.26 13.44
C PHE B 90 24.80 19.13 13.74
N PRO B 91 24.84 20.42 13.38
CA PRO B 91 23.68 21.27 13.57
C PRO B 91 22.65 20.95 12.48
N LEU B 92 21.39 21.17 12.80
CA LEU B 92 20.29 21.21 11.81
C LEU B 92 20.67 22.20 10.72
N PRO B 93 20.27 21.97 9.46
CA PRO B 93 20.44 22.98 8.42
C PRO B 93 19.59 24.19 8.77
N THR B 94 19.96 25.35 8.26
CA THR B 94 19.26 26.62 8.50
C THR B 94 19.21 27.42 7.20
N ALA B 95 18.48 28.54 7.24
CA ALA B 95 18.43 29.52 6.13
C ALA B 95 19.84 30.03 5.86
N GLN B 96 20.73 30.03 6.85
CA GLN B 96 22.09 30.59 6.68
C GLN B 96 23.00 29.53 6.08
N ARG B 97 22.73 28.25 6.30
CA ARG B 97 23.75 27.23 6.04
C ARG B 97 23.14 25.84 5.88
N SER B 98 23.27 25.25 4.71
CA SER B 98 22.86 23.84 4.44
C SER B 98 23.95 22.87 4.90
N LEU B 99 23.55 21.64 5.20
CA LEU B 99 24.48 20.54 5.50
C LEU B 99 25.21 20.18 4.21
N GLU B 100 26.36 19.54 4.35
CA GLU B 100 27.21 19.07 3.22
C GLU B 100 27.55 17.63 3.51
N PRO B 101 27.78 16.78 2.50
CA PRO B 101 28.26 15.43 2.75
C PRO B 101 29.67 15.51 3.33
N GLY B 102 30.04 14.57 4.21
CA GLY B 102 31.41 14.44 4.73
C GLY B 102 31.72 13.03 5.19
N THR B 103 32.47 12.93 6.29
CA THR B 103 32.89 11.72 7.04
C THR B 103 32.18 11.74 8.37
N PRO B 104 31.75 10.60 8.94
CA PRO B 104 31.79 9.33 8.24
C PRO B 104 30.69 9.27 7.17
N ARG B 105 30.90 8.42 6.17
CA ARG B 105 30.04 8.18 4.99
C ARG B 105 28.64 7.81 5.45
N TRP B 106 28.52 6.93 6.45
CA TRP B 106 27.21 6.35 6.85
C TRP B 106 26.24 7.47 7.24
N ALA B 107 26.72 8.56 7.83
CA ALA B 107 25.86 9.66 8.32
C ALA B 107 25.37 10.53 7.15
N ASN B 108 26.01 10.45 5.98
CA ASN B 108 25.58 11.24 4.80
C ASN B 108 24.13 10.89 4.46
N TYR B 109 23.73 9.63 4.58
CA TYR B 109 22.33 9.22 4.29
C TYR B 109 21.36 9.93 5.24
N VAL B 110 21.72 10.09 6.51
CA VAL B 110 20.83 10.75 7.50
C VAL B 110 20.83 12.25 7.25
N LYS B 111 22.00 12.86 7.06
CA LYS B 111 22.10 14.32 6.77
C LYS B 111 21.24 14.69 5.55
N GLY B 112 21.38 13.95 4.46
CA GLY B 112 20.62 14.18 3.22
C GLY B 112 19.12 14.15 3.47
N VAL B 113 18.61 13.18 4.21
CA VAL B 113 17.14 13.12 4.40
C VAL B 113 16.68 14.34 5.22
N ILE B 114 17.43 14.73 6.24
CA ILE B 114 17.10 15.95 7.05
C ILE B 114 17.08 17.19 6.14
N GLN B 115 18.09 17.33 5.30
CA GLN B 115 18.24 18.51 4.43
C GLN B 115 17.00 18.65 3.53
N TYR B 116 16.49 17.56 2.95
CA TYR B 116 15.37 17.64 1.97
C TYR B 116 14.02 17.35 2.62
N TYR B 117 13.99 17.10 3.92
CA TYR B 117 12.70 16.80 4.61
C TYR B 117 11.78 17.97 4.33
N PRO B 118 10.60 17.78 3.73
CA PRO B 118 9.81 18.92 3.31
C PRO B 118 9.03 19.65 4.41
N ALA B 119 8.97 19.18 5.65
CA ALA B 119 8.07 19.81 6.65
C ALA B 119 8.91 20.52 7.71
N ALA B 120 8.33 21.52 8.38
CA ALA B 120 9.01 22.45 9.32
C ALA B 120 8.04 22.87 10.42
N PRO B 121 8.44 23.26 11.65
CA PRO B 121 9.83 23.25 12.10
C PRO B 121 10.25 21.86 12.59
N LEU B 122 11.41 21.43 12.12
CA LEU B 122 12.01 20.14 12.48
C LEU B 122 12.91 20.39 13.66
N PRO B 123 12.71 19.71 14.82
CA PRO B 123 13.60 19.87 15.97
C PRO B 123 14.87 19.05 15.78
N GLY B 124 15.90 19.40 16.55
CA GLY B 124 17.07 18.54 16.78
C GLY B 124 16.65 17.22 17.41
N PHE B 125 17.50 16.20 17.36
CA PHE B 125 17.16 14.88 17.93
C PHE B 125 18.45 14.11 18.24
N SER B 126 18.33 13.21 19.21
CA SER B 126 19.32 12.16 19.53
C SER B 126 18.74 10.87 18.98
N ALA B 127 19.57 10.04 18.35
CA ALA B 127 19.10 8.77 17.76
C ALA B 127 20.19 7.72 17.74
N VAL B 128 19.80 6.45 17.85
CA VAL B 128 20.69 5.30 17.55
C VAL B 128 20.12 4.53 16.35
N VAL B 129 21.01 4.11 15.46
CA VAL B 129 20.70 3.32 14.24
C VAL B 129 21.29 1.93 14.41
N VAL B 130 20.44 0.91 14.29
CA VAL B 130 20.82 -0.52 14.16
C VAL B 130 20.30 -1.06 12.83
N SER B 131 20.98 -2.05 12.29
CA SER B 131 20.61 -2.63 10.99
C SER B 131 21.00 -4.09 10.96
N SER B 132 20.15 -4.95 10.41
CA SER B 132 20.53 -6.34 10.02
C SER B 132 20.75 -6.38 8.50
N VAL B 133 20.72 -5.25 7.79
CA VAL B 133 20.93 -5.28 6.31
C VAL B 133 22.43 -5.27 6.04
N PRO B 134 23.00 -6.30 5.41
CA PRO B 134 24.44 -6.37 5.19
C PRO B 134 24.90 -5.21 4.30
N LEU B 135 25.89 -4.47 4.78
CA LEU B 135 26.36 -3.20 4.18
C LEU B 135 27.06 -3.52 2.86
N GLY B 136 26.76 -2.76 1.80
CA GLY B 136 27.34 -2.95 0.46
C GLY B 136 26.97 -4.27 -0.19
N GLY B 137 26.02 -5.02 0.38
CA GLY B 137 25.65 -6.37 -0.11
C GLY B 137 24.52 -6.37 -1.14
N GLY B 138 24.06 -5.21 -1.61
CA GLY B 138 23.11 -5.10 -2.72
C GLY B 138 21.65 -5.32 -2.30
N LEU B 139 21.37 -5.24 -0.99
CA LEU B 139 20.01 -5.41 -0.45
C LEU B 139 19.45 -4.07 0.06
N SER B 140 20.05 -2.95 -0.38
CA SER B 140 19.54 -1.57 -0.17
C SER B 140 19.63 -1.19 1.32
N SER B 141 20.79 -1.38 1.92
CA SER B 141 21.10 -0.89 3.29
C SER B 141 20.83 0.62 3.33
N SER B 142 21.32 1.37 2.34
CA SER B 142 21.26 2.85 2.35
C SER B 142 19.79 3.31 2.25
N ALA B 143 19.01 2.71 1.37
CA ALA B 143 17.58 3.07 1.27
C ALA B 143 16.87 2.75 2.60
N SER B 144 17.24 1.67 3.28
CA SER B 144 16.60 1.33 4.57
C SER B 144 16.92 2.44 5.58
N LEU B 145 18.17 2.91 5.61
CA LEU B 145 18.56 4.00 6.50
C LEU B 145 17.84 5.30 6.11
N GLU B 146 17.79 5.63 4.83
CA GLU B 146 17.16 6.91 4.42
C GLU B 146 15.70 6.88 4.88
N VAL B 147 15.01 5.76 4.64
CA VAL B 147 13.55 5.64 4.84
C VAL B 147 13.24 5.57 6.34
N ALA B 148 14.06 4.85 7.11
CA ALA B 148 14.02 4.87 8.59
C ALA B 148 14.18 6.31 9.07
N THR B 149 15.16 7.04 8.54
CA THR B 149 15.31 8.45 8.93
C THR B 149 14.04 9.24 8.59
N TYR B 150 13.50 9.11 7.37
CA TYR B 150 12.31 9.88 6.91
C TYR B 150 11.15 9.59 7.87
N THR B 151 10.96 8.33 8.23
CA THR B 151 9.85 7.83 9.08
C THR B 151 9.96 8.43 10.50
N PHE B 152 11.18 8.50 11.03
CA PHE B 152 11.53 9.14 12.32
C PHE B 152 11.17 10.62 12.26
N LEU B 153 11.61 11.31 11.22
CA LEU B 153 11.39 12.78 11.10
C LEU B 153 9.89 13.03 11.08
N GLN B 154 9.10 12.15 10.45
CA GLN B 154 7.62 12.29 10.50
C GLN B 154 7.11 12.22 11.96
N GLN B 155 7.73 11.43 12.83
CA GLN B 155 7.29 11.40 14.25
C GLN B 155 7.65 12.74 14.88
N LEU B 156 8.70 13.43 14.45
CA LEU B 156 9.04 14.75 15.07
C LEU B 156 8.14 15.85 14.49
N CYS B 157 7.69 15.69 13.25
CA CYS B 157 7.19 16.82 12.44
C CYS B 157 6.45 16.31 11.21
N PRO B 158 5.13 16.07 11.31
CA PRO B 158 4.38 15.43 10.23
C PRO B 158 4.46 16.18 8.90
N ASP B 159 4.52 15.39 7.82
CA ASP B 159 4.66 15.87 6.43
C ASP B 159 3.23 15.85 5.88
N SER B 160 3.01 16.34 4.68
CA SER B 160 1.65 16.57 4.15
C SER B 160 1.50 15.98 2.75
N GLY B 161 2.52 15.29 2.24
CA GLY B 161 2.52 14.80 0.85
C GLY B 161 2.26 13.30 0.79
N THR B 162 2.66 12.73 -0.32
CA THR B 162 2.31 11.36 -0.73
C THR B 162 3.46 10.41 -0.41
N ILE B 163 3.23 9.11 -0.58
CA ILE B 163 4.26 8.09 -0.29
C ILE B 163 5.36 8.16 -1.36
N ALA B 164 5.04 8.50 -2.60
CA ALA B 164 6.03 8.69 -3.68
C ALA B 164 6.93 9.88 -3.35
N ALA B 165 6.35 10.95 -2.80
CA ALA B 165 7.11 12.18 -2.49
C ALA B 165 8.17 11.81 -1.44
N ARG B 166 7.81 10.97 -0.47
CA ARG B 166 8.76 10.53 0.59
C ARG B 166 9.90 9.73 -0.06
N ALA B 167 9.58 8.82 -0.97
CA ALA B 167 10.59 8.03 -1.69
C ALA B 167 11.52 9.00 -2.44
N GLN B 168 10.98 10.06 -3.03
CA GLN B 168 11.75 10.99 -3.87
C GLN B 168 12.69 11.84 -2.99
N VAL B 169 12.26 12.17 -1.77
CA VAL B 169 13.14 12.86 -0.80
C VAL B 169 14.35 11.96 -0.50
N CYS B 170 14.11 10.68 -0.20
CA CYS B 170 15.20 9.75 0.17
C CYS B 170 16.14 9.55 -1.03
N GLN B 171 15.56 9.57 -2.23
CA GLN B 171 16.29 9.48 -3.50
C GLN B 171 17.16 10.74 -3.65
N GLN B 172 16.59 11.91 -3.35
CA GLN B 172 17.34 13.18 -3.49
C GLN B 172 18.54 13.15 -2.53
N ALA B 173 18.37 12.61 -1.33
CA ALA B 173 19.44 12.48 -0.32
C ALA B 173 20.54 11.59 -0.89
N GLU B 174 20.16 10.46 -1.50
CA GLU B 174 21.16 9.54 -2.08
C GLU B 174 21.94 10.27 -3.17
N HIS B 175 21.26 11.05 -4.01
CA HIS B 175 21.88 11.75 -5.16
C HIS B 175 22.88 12.78 -4.65
N SER B 176 22.46 13.68 -3.75
CA SER B 176 23.23 14.88 -3.35
C SER B 176 24.22 14.54 -2.25
N PHE B 177 23.92 13.62 -1.33
CA PHE B 177 24.79 13.40 -0.14
C PHE B 177 25.65 12.16 -0.28
N ALA B 178 25.29 11.18 -1.10
CA ALA B 178 26.11 9.97 -1.29
C ALA B 178 26.66 9.93 -2.72
N GLY B 179 26.32 10.89 -3.56
CA GLY B 179 26.82 10.99 -4.95
C GLY B 179 26.45 9.77 -5.77
N MET B 180 25.26 9.23 -5.57
CA MET B 180 24.88 7.94 -6.18
C MET B 180 23.52 8.14 -6.84
N PRO B 181 23.47 8.28 -8.20
CA PRO B 181 22.25 8.69 -8.91
C PRO B 181 21.25 7.54 -9.16
N CYS B 182 20.69 7.07 -8.07
CA CYS B 182 19.82 5.88 -8.02
C CYS B 182 18.46 6.23 -8.65
N GLY B 183 17.78 5.21 -9.21
CA GLY B 183 16.33 5.27 -9.49
C GLY B 183 15.55 5.21 -8.18
N ILE B 184 14.23 5.07 -8.25
CA ILE B 184 13.29 5.21 -7.10
C ILE B 184 13.05 3.83 -6.46
N MET B 185 13.55 2.73 -7.03
CA MET B 185 13.03 1.41 -6.63
C MET B 185 13.22 1.19 -5.11
N ASP B 186 14.45 1.35 -4.61
CA ASP B 186 14.86 0.84 -3.26
C ASP B 186 14.12 1.62 -2.17
N GLN B 187 13.97 2.93 -2.36
CA GLN B 187 13.21 3.79 -1.42
C GLN B 187 11.73 3.39 -1.49
N PHE B 188 11.21 3.12 -2.69
CA PHE B 188 9.76 2.93 -2.93
C PHE B 188 9.30 1.64 -2.25
N ILE B 189 10.11 0.58 -2.38
CA ILE B 189 9.77 -0.76 -1.85
C ILE B 189 9.92 -0.74 -0.32
N SER B 190 10.97 -0.10 0.21
CA SER B 190 11.17 0.08 1.68
C SER B 190 9.94 0.74 2.28
N LEU B 191 9.37 1.71 1.57
CA LEU B 191 8.16 2.46 2.00
C LEU B 191 6.88 1.65 1.81
N MET B 192 6.67 1.01 0.65
CA MET B 192 5.32 0.53 0.19
C MET B 192 5.14 -0.99 0.34
N GLY B 193 6.21 -1.74 0.67
CA GLY B 193 6.15 -3.20 0.83
C GLY B 193 4.97 -3.62 1.71
N GLN B 194 4.33 -4.76 1.39
CA GLN B 194 3.30 -5.47 2.21
C GLN B 194 3.77 -6.91 2.41
N LYS B 195 3.61 -7.41 3.63
CA LYS B 195 3.84 -8.85 3.96
C LYS B 195 2.99 -9.70 3.02
N GLY B 196 3.60 -10.74 2.45
CA GLY B 196 3.00 -11.72 1.51
C GLY B 196 2.94 -11.23 0.07
N HIS B 197 3.64 -10.17 -0.31
CA HIS B 197 3.48 -9.54 -1.65
C HIS B 197 4.80 -8.98 -2.18
N ALA B 198 5.03 -9.13 -3.47
CA ALA B 198 6.03 -8.33 -4.18
C ALA B 198 5.27 -7.14 -4.75
N LEU B 199 6.00 -6.15 -5.25
CA LEU B 199 5.40 -4.89 -5.75
C LEU B 199 5.84 -4.70 -7.19
N LEU B 200 4.88 -4.70 -8.12
CA LEU B 200 5.13 -4.24 -9.51
C LEU B 200 5.09 -2.72 -9.48
N ILE B 201 6.25 -2.09 -9.61
CA ILE B 201 6.37 -0.62 -9.59
C ILE B 201 6.57 -0.14 -11.02
N ASP B 202 5.67 0.72 -11.46
CA ASP B 202 5.82 1.47 -12.73
C ASP B 202 6.55 2.76 -12.39
N CYS B 203 7.83 2.83 -12.77
CA CYS B 203 8.72 3.97 -12.44
C CYS B 203 8.44 5.13 -13.38
N ARG B 204 7.59 4.97 -14.39
CA ARG B 204 7.03 6.14 -15.11
C ARG B 204 5.79 6.67 -14.38
N SER B 205 4.71 5.92 -14.23
CA SER B 205 3.48 6.47 -13.59
C SER B 205 3.58 6.54 -12.06
N LEU B 206 4.41 5.69 -11.43
CA LEU B 206 4.48 5.44 -9.95
C LEU B 206 3.18 4.77 -9.48
N GLU B 207 2.45 4.15 -10.39
CA GLU B 207 1.44 3.11 -10.07
C GLU B 207 2.18 1.87 -9.51
N THR B 208 1.61 1.23 -8.49
CA THR B 208 2.15 -0.02 -7.90
C THR B 208 1.06 -1.07 -7.85
N SER B 209 1.43 -2.33 -8.14
CA SER B 209 0.54 -3.50 -8.06
C SER B 209 1.11 -4.50 -7.07
N LEU B 210 0.27 -4.94 -6.16
CA LEU B 210 0.58 -5.98 -5.17
C LEU B 210 0.34 -7.33 -5.83
N VAL B 211 1.37 -8.17 -5.83
CA VAL B 211 1.40 -9.54 -6.42
C VAL B 211 1.65 -10.57 -5.31
N PRO B 212 0.62 -11.30 -4.82
CA PRO B 212 0.85 -12.38 -3.84
C PRO B 212 2.10 -13.26 -4.08
N LEU B 213 2.83 -13.64 -2.99
CA LEU B 213 3.80 -14.79 -3.00
C LEU B 213 3.45 -15.85 -1.95
N SER B 214 2.42 -15.56 -1.14
CA SER B 214 1.90 -16.44 -0.06
C SER B 214 1.46 -17.79 -0.66
N ASP B 215 2.44 -18.56 -1.16
CA ASP B 215 2.30 -20.01 -1.50
C ASP B 215 3.41 -20.76 -0.77
N PRO B 216 3.06 -21.76 0.08
CA PRO B 216 4.01 -22.31 1.05
C PRO B 216 5.10 -23.19 0.42
N LYS B 217 4.87 -23.70 -0.79
CA LYS B 217 5.79 -24.62 -1.49
C LYS B 217 6.72 -23.83 -2.41
N LEU B 218 6.58 -22.49 -2.48
CA LEU B 218 7.56 -21.60 -3.16
C LEU B 218 8.45 -20.91 -2.12
N ALA B 219 9.76 -20.90 -2.38
CA ALA B 219 10.78 -20.19 -1.58
C ALA B 219 11.61 -19.25 -2.47
N VAL B 220 11.87 -18.05 -1.95
CA VAL B 220 12.88 -17.09 -2.48
C VAL B 220 14.14 -17.21 -1.63
N LEU B 221 15.24 -17.70 -2.24
CA LEU B 221 16.58 -17.80 -1.61
C LEU B 221 17.48 -16.65 -2.07
N ILE B 222 18.13 -15.99 -1.11
CA ILE B 222 19.13 -14.89 -1.33
C ILE B 222 20.50 -15.39 -0.94
N THR B 223 21.42 -15.36 -1.91
CA THR B 223 22.82 -15.78 -1.74
C THR B 223 23.69 -14.54 -1.85
N ASN B 224 24.32 -14.15 -0.76
CA ASN B 224 25.35 -13.09 -0.72
C ASN B 224 26.68 -13.73 -1.13
N SER B 225 27.29 -13.20 -2.21
CA SER B 225 28.65 -13.54 -2.70
C SER B 225 29.68 -13.17 -1.64
N ASN B 226 29.36 -12.16 -0.83
CA ASN B 226 30.26 -11.53 0.19
C ASN B 226 31.47 -10.90 -0.51
N VAL B 227 31.23 -10.35 -1.69
CA VAL B 227 32.20 -9.65 -2.57
C VAL B 227 31.55 -8.33 -2.98
N ARG B 228 32.34 -7.26 -3.02
CA ARG B 228 31.97 -6.00 -3.71
C ARG B 228 33.21 -5.43 -4.40
N HIS B 229 33.39 -5.72 -5.70
CA HIS B 229 34.42 -5.13 -6.61
C HIS B 229 34.26 -3.60 -6.55
N SER B 230 35.33 -2.83 -6.81
CA SER B 230 35.28 -1.34 -6.70
C SER B 230 34.51 -0.72 -7.88
N LEU B 231 34.49 -1.37 -9.05
CA LEU B 231 33.62 -1.01 -10.20
C LEU B 231 32.22 -0.61 -9.69
N ALA B 232 31.75 -1.26 -8.63
CA ALA B 232 30.37 -1.16 -8.09
C ALA B 232 29.94 0.31 -8.03
N SER B 233 30.65 1.12 -7.24
CA SER B 233 30.33 2.56 -7.01
C SER B 233 30.52 3.36 -8.29
N SER B 234 31.67 3.17 -8.96
CA SER B 234 32.13 3.98 -10.11
C SER B 234 31.29 3.76 -11.40
N GLU B 235 30.81 2.55 -11.72
CA GLU B 235 30.22 2.22 -13.06
C GLU B 235 28.71 2.46 -13.13
N TYR B 236 28.03 2.53 -11.98
CA TYR B 236 26.57 2.78 -11.92
C TYR B 236 26.24 4.08 -12.65
N PRO B 237 26.83 5.26 -12.30
CA PRO B 237 26.47 6.52 -12.95
C PRO B 237 26.90 6.51 -14.42
N VAL B 238 27.83 5.63 -14.81
CA VAL B 238 28.27 5.51 -16.23
C VAL B 238 27.15 4.84 -17.04
N ARG B 239 26.58 3.76 -16.52
CA ARG B 239 25.45 3.06 -17.19
C ARG B 239 24.25 4.01 -17.30
N ARG B 240 23.91 4.70 -16.23
CA ARG B 240 22.78 5.66 -16.28
C ARG B 240 22.99 6.70 -17.40
N ARG B 241 24.14 7.36 -17.50
CA ARG B 241 24.31 8.45 -18.51
C ARG B 241 24.30 7.86 -19.93
N GLN B 242 24.81 6.66 -20.09
CA GLN B 242 24.80 5.88 -21.37
C GLN B 242 23.34 5.65 -21.82
N CYS B 243 22.49 5.18 -20.93
CA CYS B 243 21.05 5.01 -21.24
C CYS B 243 20.45 6.36 -21.64
N GLU B 244 20.67 7.41 -20.84
CA GLU B 244 20.06 8.75 -21.07
C GLU B 244 20.52 9.24 -22.44
N GLU B 245 21.73 8.90 -22.86
CA GLU B 245 22.28 9.36 -24.16
C GLU B 245 21.58 8.64 -25.31
N VAL B 246 21.27 7.34 -25.18
CA VAL B 246 20.51 6.60 -26.24
C VAL B 246 19.11 7.20 -26.32
N ALA B 247 18.38 7.35 -25.21
CA ALA B 247 17.02 7.98 -25.25
C ALA B 247 17.09 9.34 -25.97
N ARG B 248 18.07 10.20 -25.64
CA ARG B 248 18.18 11.56 -26.19
C ARG B 248 18.42 11.46 -27.71
N ALA B 249 19.28 10.54 -28.16
CA ALA B 249 19.67 10.30 -29.56
C ALA B 249 18.47 9.76 -30.34
N LEU B 250 17.62 8.96 -29.72
CA LEU B 250 16.38 8.49 -30.37
C LEU B 250 15.23 9.49 -30.17
N GLY B 251 15.42 10.65 -29.54
CA GLY B 251 14.35 11.64 -29.33
C GLY B 251 13.25 11.10 -28.41
N ALA B 252 13.63 10.27 -27.43
CA ALA B 252 12.68 9.69 -26.47
C ALA B 252 12.94 10.31 -25.09
N ALA B 253 11.89 10.61 -24.33
CA ALA B 253 12.04 11.16 -22.95
C ALA B 253 12.79 10.16 -22.08
N SER B 254 12.70 8.86 -22.39
CA SER B 254 13.34 7.76 -21.63
C SER B 254 13.34 6.48 -22.47
N LEU B 255 14.03 5.44 -22.02
CA LEU B 255 14.04 4.17 -22.80
C LEU B 255 12.71 3.42 -22.61
N ARG B 256 11.93 3.75 -21.57
CA ARG B 256 10.56 3.19 -21.44
C ARG B 256 9.83 3.34 -22.77
N GLU B 257 10.02 4.48 -23.43
CA GLU B 257 9.23 4.91 -24.62
C GLU B 257 9.81 4.27 -25.89
N VAL B 258 10.92 3.54 -25.81
CA VAL B 258 11.59 2.90 -26.97
C VAL B 258 11.28 1.40 -26.95
N GLN B 259 11.08 0.76 -28.09
CA GLN B 259 11.10 -0.73 -28.14
C GLN B 259 12.17 -1.23 -29.09
N LEU B 260 12.42 -2.54 -29.02
CA LEU B 260 13.66 -3.12 -29.57
C LEU B 260 13.71 -2.80 -31.08
N GLU B 261 12.54 -2.67 -31.72
CA GLU B 261 12.43 -2.49 -33.20
C GLU B 261 12.96 -1.10 -33.60
N GLU B 262 12.57 -0.02 -32.90
CA GLU B 262 13.10 1.35 -33.17
C GLU B 262 14.60 1.38 -32.91
N LEU B 263 15.00 0.68 -31.85
CA LEU B 263 16.41 0.61 -31.38
C LEU B 263 17.26 -0.09 -32.45
N GLU B 264 16.83 -1.27 -32.94
CA GLU B 264 17.45 -1.96 -34.11
C GLU B 264 17.64 -0.94 -35.25
N ALA B 265 16.59 -0.18 -35.56
CA ALA B 265 16.52 0.75 -36.70
C ALA B 265 17.39 1.99 -36.47
N ALA B 266 17.62 2.40 -35.22
CA ALA B 266 18.40 3.61 -34.85
C ALA B 266 19.86 3.26 -34.51
N ARG B 267 20.32 2.05 -34.80
CA ARG B 267 21.56 1.55 -34.17
C ARG B 267 22.77 2.34 -34.67
N ASP B 268 22.68 3.06 -35.79
CA ASP B 268 23.79 3.93 -36.27
C ASP B 268 23.73 5.34 -35.68
N LEU B 269 22.74 5.64 -34.83
CA LEU B 269 22.67 6.95 -34.14
C LEU B 269 23.44 6.84 -32.83
N VAL B 270 23.81 5.62 -32.40
CA VAL B 270 24.36 5.39 -31.02
C VAL B 270 25.63 4.54 -31.10
N SER B 271 26.48 4.63 -30.09
CA SER B 271 27.66 3.73 -29.90
C SER B 271 27.17 2.26 -29.93
N LYS B 272 28.01 1.33 -30.41
CA LYS B 272 27.84 -0.15 -30.25
C LYS B 272 27.46 -0.46 -28.81
N GLU B 273 28.14 0.18 -27.86
CA GLU B 273 27.98 -0.08 -26.40
C GLU B 273 26.65 0.52 -25.92
N GLY B 274 26.30 1.75 -26.32
CA GLY B 274 25.00 2.34 -26.00
C GLY B 274 23.86 1.44 -26.46
N PHE B 275 24.03 0.86 -27.65
CA PHE B 275 23.02 -0.03 -28.26
C PHE B 275 22.76 -1.20 -27.31
N ARG B 276 23.83 -1.84 -26.83
CA ARG B 276 23.76 -3.05 -25.98
C ARG B 276 23.14 -2.70 -24.62
N ARG B 277 23.55 -1.59 -24.00
CA ARG B 277 22.89 -1.16 -22.74
C ARG B 277 21.40 -1.00 -22.98
N ALA B 278 21.01 -0.28 -24.05
CA ALA B 278 19.59 0.08 -24.27
C ALA B 278 18.83 -1.20 -24.55
N ARG B 279 19.49 -2.18 -25.17
CA ARG B 279 18.78 -3.43 -25.52
C ARG B 279 18.48 -4.22 -24.24
N HIS B 280 19.41 -4.19 -23.27
CA HIS B 280 19.14 -4.80 -21.94
C HIS B 280 17.84 -4.20 -21.36
N VAL B 281 17.77 -2.87 -21.31
CA VAL B 281 16.72 -2.11 -20.58
C VAL B 281 15.34 -2.39 -21.22
N VAL B 282 15.27 -2.29 -22.54
CA VAL B 282 14.03 -2.42 -23.37
C VAL B 282 13.47 -3.84 -23.15
N GLY B 283 14.36 -4.85 -23.18
CA GLY B 283 14.04 -6.26 -22.92
C GLY B 283 13.61 -6.51 -21.48
N GLU B 284 14.32 -5.91 -20.52
CA GLU B 284 14.14 -6.15 -19.07
C GLU B 284 12.80 -5.54 -18.67
N ILE B 285 12.40 -4.44 -19.30
CA ILE B 285 11.06 -3.81 -19.09
C ILE B 285 9.99 -4.84 -19.50
N ARG B 286 10.16 -5.45 -20.68
CA ARG B 286 9.19 -6.43 -21.26
C ARG B 286 9.20 -7.67 -20.35
N ARG B 287 10.38 -8.18 -19.97
CA ARG B 287 10.53 -9.37 -19.08
C ARG B 287 9.83 -9.14 -17.75
N THR B 288 9.86 -7.93 -17.21
CA THR B 288 9.33 -7.66 -15.85
C THR B 288 7.80 -7.69 -15.91
N ALA B 289 7.23 -7.11 -16.97
CA ALA B 289 5.77 -7.14 -17.25
C ALA B 289 5.31 -8.59 -17.37
N GLN B 290 6.05 -9.38 -18.15
CA GLN B 290 5.73 -10.82 -18.37
C GLN B 290 5.95 -11.59 -17.06
N ALA B 291 7.06 -11.35 -16.36
CA ALA B 291 7.31 -12.05 -15.07
C ALA B 291 6.12 -11.80 -14.13
N ALA B 292 5.63 -10.57 -14.05
CA ALA B 292 4.56 -10.18 -13.10
C ALA B 292 3.28 -10.97 -13.42
N ALA B 293 2.83 -10.95 -14.67
CA ALA B 293 1.66 -11.76 -15.14
C ALA B 293 1.87 -13.24 -14.78
N ALA B 294 3.09 -13.77 -15.02
CA ALA B 294 3.51 -15.17 -14.76
C ALA B 294 3.37 -15.47 -13.27
N LEU B 295 4.01 -14.68 -12.42
CA LEU B 295 3.92 -14.84 -10.95
C LEU B 295 2.44 -14.84 -10.53
N ARG B 296 1.62 -13.89 -11.02
CA ARG B 296 0.17 -13.74 -10.69
C ARG B 296 -0.57 -15.01 -11.07
N ARG B 297 -0.12 -15.66 -12.15
CA ARG B 297 -0.65 -16.94 -12.69
C ARG B 297 -0.12 -18.14 -11.90
N GLY B 298 0.89 -18.01 -11.04
CA GLY B 298 1.50 -19.16 -10.33
C GLY B 298 2.36 -20.02 -11.25
N ASP B 299 2.67 -19.45 -12.43
CA ASP B 299 3.58 -20.05 -13.43
C ASP B 299 5.05 -19.70 -13.09
N TYR B 300 5.64 -20.47 -12.17
CA TYR B 300 7.01 -20.25 -11.63
C TYR B 300 8.04 -20.61 -12.68
N ARG B 301 7.80 -21.61 -13.51
CA ARG B 301 8.81 -22.06 -14.50
C ARG B 301 9.03 -20.91 -15.49
N ALA B 302 7.96 -20.27 -15.95
CA ALA B 302 8.01 -19.13 -16.90
C ALA B 302 8.63 -17.91 -16.21
N PHE B 303 8.37 -17.76 -14.91
CA PHE B 303 9.01 -16.71 -14.10
C PHE B 303 10.52 -16.96 -14.05
N GLY B 304 10.88 -18.21 -13.73
CA GLY B 304 12.27 -18.73 -13.69
C GLY B 304 13.01 -18.51 -15.01
N ARG B 305 12.42 -18.85 -16.15
CA ARG B 305 13.04 -18.60 -17.48
C ARG B 305 13.35 -17.10 -17.56
N LEU B 306 12.36 -16.24 -17.29
CA LEU B 306 12.50 -14.78 -17.46
C LEU B 306 13.63 -14.27 -16.55
N MET B 307 13.78 -14.83 -15.32
CA MET B 307 14.88 -14.46 -14.40
C MET B 307 16.24 -14.80 -15.04
N VAL B 308 16.38 -15.99 -15.63
CA VAL B 308 17.68 -16.42 -16.21
C VAL B 308 18.05 -15.54 -17.39
N GLU B 309 17.07 -15.14 -18.23
CA GLU B 309 17.26 -14.22 -19.40
C GLU B 309 17.56 -12.80 -18.87
N SER B 310 17.04 -12.43 -17.70
CA SER B 310 17.42 -11.15 -17.01
C SER B 310 18.91 -11.21 -16.70
N HIS B 311 19.36 -12.31 -16.10
CA HIS B 311 20.78 -12.53 -15.72
C HIS B 311 21.68 -12.42 -16.95
N ARG B 312 21.36 -13.14 -18.01
CA ARG B 312 22.24 -13.22 -19.20
C ARG B 312 22.43 -11.81 -19.77
N SER B 313 21.32 -11.06 -19.85
CA SER B 313 21.24 -9.69 -20.41
C SER B 313 22.08 -8.76 -19.55
N LEU B 314 21.98 -8.89 -18.22
CA LEU B 314 22.82 -8.09 -17.29
C LEU B 314 24.28 -8.49 -17.47
N ARG B 315 24.58 -9.77 -17.59
CA ARG B 315 25.99 -10.24 -17.67
C ARG B 315 26.61 -9.74 -18.98
N ASP B 316 25.90 -9.83 -20.12
CA ASP B 316 26.52 -9.68 -21.47
C ASP B 316 26.25 -8.31 -22.13
N ASP B 317 25.02 -7.79 -22.12
CA ASP B 317 24.67 -6.48 -22.73
C ASP B 317 24.98 -5.36 -21.72
N TYR B 318 24.51 -5.45 -20.48
CA TYR B 318 24.71 -4.35 -19.50
C TYR B 318 26.09 -4.44 -18.86
N GLU B 319 26.71 -5.62 -18.83
CA GLU B 319 28.02 -5.90 -18.16
C GLU B 319 28.04 -5.33 -16.75
N VAL B 320 27.15 -5.80 -15.86
CA VAL B 320 27.20 -5.42 -14.43
C VAL B 320 27.18 -6.66 -13.53
N SER B 321 27.42 -7.85 -14.08
CA SER B 321 27.66 -9.08 -13.29
C SER B 321 29.16 -9.16 -12.98
N CYS B 322 29.65 -10.31 -12.52
CA CYS B 322 31.06 -10.55 -12.11
C CYS B 322 31.21 -12.06 -11.96
N PRO B 323 32.44 -12.62 -12.00
CA PRO B 323 32.64 -14.08 -12.01
C PRO B 323 31.86 -14.76 -10.87
N GLU B 324 31.88 -14.11 -9.71
CA GLU B 324 31.29 -14.59 -8.44
C GLU B 324 29.78 -14.76 -8.59
N LEU B 325 29.06 -13.74 -9.08
CA LEU B 325 27.60 -13.83 -9.34
C LEU B 325 27.30 -14.91 -10.39
N ASP B 326 28.00 -14.91 -11.52
CA ASP B 326 27.82 -15.92 -12.61
C ASP B 326 27.97 -17.34 -12.04
N GLN B 327 29.02 -17.58 -11.26
CA GLN B 327 29.27 -18.89 -10.64
C GLN B 327 28.11 -19.27 -9.70
N LEU B 328 27.60 -18.32 -8.90
CA LEU B 328 26.46 -18.57 -7.96
C LEU B 328 25.20 -18.93 -8.77
N VAL B 329 24.98 -18.22 -9.88
CA VAL B 329 23.77 -18.43 -10.72
C VAL B 329 23.84 -19.84 -11.35
N GLU B 330 24.94 -20.19 -12.04
N GLU B 330 24.94 -20.17 -12.04
CA GLU B 330 25.08 -21.52 -12.73
CA GLU B 330 25.13 -21.47 -12.73
C GLU B 330 24.89 -22.62 -11.69
C GLU B 330 24.91 -22.60 -11.71
N ALA B 331 25.50 -22.46 -10.51
CA ALA B 331 25.48 -23.47 -9.43
C ALA B 331 24.02 -23.73 -9.02
N ALA B 332 23.25 -22.66 -8.80
CA ALA B 332 21.83 -22.71 -8.37
C ALA B 332 20.97 -23.38 -9.46
N LEU B 333 21.26 -23.10 -10.74
CA LEU B 333 20.46 -23.59 -11.89
C LEU B 333 20.67 -25.10 -12.05
N ALA B 334 21.83 -25.62 -11.65
CA ALA B 334 22.18 -27.06 -11.73
C ALA B 334 21.33 -27.87 -10.74
N VAL B 335 20.75 -27.24 -9.71
CA VAL B 335 20.01 -27.92 -8.60
C VAL B 335 18.58 -28.19 -9.04
N PRO B 336 18.04 -29.42 -8.84
CA PRO B 336 16.64 -29.70 -9.17
C PRO B 336 15.68 -29.02 -8.16
N GLY B 337 14.61 -28.41 -8.67
CA GLY B 337 13.59 -27.69 -7.87
C GLY B 337 13.69 -26.17 -8.03
N VAL B 338 14.81 -25.71 -8.60
CA VAL B 338 15.12 -24.26 -8.79
C VAL B 338 14.48 -23.82 -10.11
N TYR B 339 13.53 -22.90 -10.09
CA TYR B 339 12.92 -22.31 -11.32
C TYR B 339 13.90 -21.37 -12.05
N GLY B 340 14.74 -20.66 -11.32
CA GLY B 340 15.61 -19.64 -11.91
C GLY B 340 16.42 -18.92 -10.85
N SER B 341 17.50 -18.29 -11.32
CA SER B 341 18.47 -17.54 -10.48
C SER B 341 19.06 -16.41 -11.32
N ARG B 342 19.45 -15.31 -10.67
CA ARG B 342 20.12 -14.13 -11.29
C ARG B 342 20.66 -13.20 -10.21
N MET B 343 21.56 -12.31 -10.60
CA MET B 343 22.03 -11.22 -9.74
C MET B 343 20.87 -10.26 -9.49
N THR B 344 20.86 -9.60 -8.32
CA THR B 344 19.85 -8.57 -7.92
C THR B 344 20.63 -7.34 -7.50
N GLY B 345 20.00 -6.17 -7.50
CA GLY B 345 20.67 -4.88 -7.24
C GLY B 345 21.65 -4.47 -8.35
N GLY B 346 22.61 -3.59 -7.99
CA GLY B 346 23.48 -2.84 -8.91
C GLY B 346 24.40 -3.73 -9.72
N GLY B 347 24.89 -4.78 -9.07
CA GLY B 347 25.85 -5.75 -9.63
C GLY B 347 27.26 -5.50 -9.13
N PHE B 348 28.26 -6.10 -9.76
CA PHE B 348 29.70 -5.99 -9.43
C PHE B 348 29.96 -6.63 -8.07
N GLY B 349 29.09 -7.54 -7.64
CA GLY B 349 29.08 -8.12 -6.28
C GLY B 349 27.67 -8.12 -5.73
N GLY B 350 27.54 -8.27 -4.40
CA GLY B 350 26.23 -8.43 -3.75
C GLY B 350 25.69 -9.85 -3.90
N CYS B 351 24.37 -9.96 -4.14
CA CYS B 351 23.56 -11.18 -3.97
C CYS B 351 22.99 -11.64 -5.31
N THR B 352 22.75 -12.95 -5.42
CA THR B 352 21.76 -13.53 -6.35
C THR B 352 20.44 -13.73 -5.60
N VAL B 353 19.35 -13.71 -6.36
CA VAL B 353 18.00 -14.16 -5.93
C VAL B 353 17.65 -15.43 -6.72
N THR B 354 17.16 -16.44 -6.00
CA THR B 354 16.71 -17.75 -6.55
C THR B 354 15.27 -18.00 -6.09
N LEU B 355 14.44 -18.37 -7.06
CA LEU B 355 13.06 -18.88 -6.89
C LEU B 355 13.16 -20.39 -7.02
N LEU B 356 12.72 -21.13 -6.01
CA LEU B 356 12.78 -22.61 -6.00
C LEU B 356 11.65 -23.20 -5.15
N GLU B 357 11.43 -24.52 -5.28
CA GLU B 357 10.53 -25.30 -4.42
C GLU B 357 11.01 -25.14 -2.98
N ALA B 358 10.13 -24.69 -2.07
CA ALA B 358 10.37 -24.67 -0.62
C ALA B 358 11.19 -25.90 -0.23
N SER B 359 10.76 -27.09 -0.66
CA SER B 359 11.36 -28.40 -0.28
C SER B 359 12.79 -28.54 -0.83
N ALA B 360 13.17 -27.82 -1.88
CA ALA B 360 14.50 -27.95 -2.55
C ALA B 360 15.55 -27.03 -1.91
N ALA B 361 15.18 -26.22 -0.92
CA ALA B 361 16.04 -25.11 -0.43
C ALA B 361 17.25 -25.62 0.37
N PRO B 362 17.09 -26.59 1.31
CA PRO B 362 18.24 -27.19 1.99
C PRO B 362 19.34 -27.74 1.05
N HIS B 363 18.96 -28.49 0.00
CA HIS B 363 19.92 -29.07 -1.00
C HIS B 363 20.55 -27.91 -1.77
N ALA B 364 19.75 -26.93 -2.18
CA ALA B 364 20.20 -25.75 -2.96
C ALA B 364 21.37 -25.08 -2.22
N MET B 365 21.29 -24.86 -0.90
CA MET B 365 22.36 -24.15 -0.12
C MET B 365 23.59 -25.06 0.01
N ARG B 366 23.40 -26.35 0.27
CA ARG B 366 24.53 -27.31 0.31
C ARG B 366 25.32 -27.21 -1.02
N HIS B 367 24.63 -27.27 -2.16
CA HIS B 367 25.22 -27.32 -3.53
C HIS B 367 25.94 -26.01 -3.87
N ILE B 368 25.24 -24.89 -3.78
CA ILE B 368 25.76 -23.54 -4.16
C ILE B 368 27.04 -23.26 -3.36
N GLN B 369 27.00 -23.48 -2.05
CA GLN B 369 28.14 -23.20 -1.14
C GLN B 369 29.33 -24.05 -1.57
N GLU B 370 29.07 -25.34 -1.75
CA GLU B 370 30.08 -26.34 -2.16
C GLU B 370 30.63 -25.97 -3.54
N HIS B 371 29.81 -25.37 -4.42
CA HIS B 371 30.15 -25.01 -5.82
C HIS B 371 30.50 -23.53 -5.95
N TYR B 372 30.81 -22.85 -4.86
CA TYR B 372 31.26 -21.42 -4.85
C TYR B 372 32.73 -21.37 -4.41
N GLY B 373 33.56 -20.68 -5.22
CA GLY B 373 34.97 -20.38 -4.94
C GLY B 373 35.10 -19.71 -3.59
N GLY B 374 34.26 -18.71 -3.31
CA GLY B 374 34.30 -17.91 -2.08
C GLY B 374 33.52 -18.53 -0.93
N THR B 375 32.93 -17.69 -0.08
CA THR B 375 32.15 -18.07 1.13
C THR B 375 30.79 -17.37 1.07
N ALA B 376 29.77 -18.09 0.59
CA ALA B 376 28.41 -17.54 0.39
C ALA B 376 27.74 -17.39 1.76
N THR B 377 26.80 -16.45 1.87
CA THR B 377 25.83 -16.34 2.98
C THR B 377 24.43 -16.51 2.37
N PHE B 378 23.48 -17.02 3.15
CA PHE B 378 22.13 -17.33 2.63
C PHE B 378 21.05 -16.73 3.54
N TYR B 379 20.01 -16.21 2.91
CA TYR B 379 18.79 -15.72 3.57
C TYR B 379 17.59 -16.43 2.92
N LEU B 380 16.76 -17.07 3.74
CA LEU B 380 15.42 -17.55 3.33
C LEU B 380 14.39 -16.45 3.63
N SER B 381 13.86 -15.82 2.59
CA SER B 381 13.16 -14.51 2.69
C SER B 381 11.69 -14.67 2.33
N GLN B 382 10.80 -14.23 3.22
CA GLN B 382 9.37 -13.99 2.92
C GLN B 382 9.21 -12.48 2.69
N ALA B 383 8.32 -12.11 1.76
CA ALA B 383 7.94 -10.72 1.45
C ALA B 383 7.40 -10.04 2.70
N ALA B 384 8.06 -8.97 3.14
CA ALA B 384 7.76 -8.25 4.40
C ALA B 384 7.02 -6.94 4.13
N ASP B 385 6.48 -6.35 5.20
CA ASP B 385 5.89 -4.99 5.20
C ASP B 385 6.99 -3.96 5.02
N GLY B 386 6.54 -2.75 4.70
CA GLY B 386 7.41 -1.58 4.56
C GLY B 386 7.64 -0.92 5.89
N ALA B 387 8.22 0.27 5.83
CA ALA B 387 8.48 1.14 7.00
C ALA B 387 7.27 1.18 7.94
N LYS B 388 7.52 1.27 9.23
CA LYS B 388 6.43 1.63 10.15
C LYS B 388 7.00 2.20 11.43
N VAL B 389 6.11 2.87 12.15
CA VAL B 389 6.30 3.38 13.52
C VAL B 389 6.18 2.20 14.48
N LEU B 390 7.10 2.11 15.44
CA LEU B 390 7.06 1.21 16.61
C LEU B 390 6.74 2.05 17.85
N CYS B 391 5.58 1.82 18.47
CA CYS B 391 5.12 2.66 19.60
C CYS B 391 5.86 2.15 20.81
N LEU B 392 6.75 2.96 21.38
CA LEU B 392 7.48 2.61 22.63
C LEU B 392 6.57 3.02 23.80
C1 GLA C . -22.20 -1.94 0.18
C2 GLA C . -21.18 -3.09 0.51
C3 GLA C . -19.98 -3.32 -0.48
C4 GLA C . -20.58 -3.15 -1.93
C5 GLA C . -21.43 -1.86 -1.97
C6 GLA C . -21.94 -1.61 -3.43
O1 GLA C . -21.68 -0.63 0.69
O2 GLA C . -20.60 -2.85 1.76
O3 GLA C . -19.44 -4.51 -0.29
O4 GLA C . -21.27 -4.30 -2.38
O5 GLA C . -22.41 -1.86 -1.09
O6 GLA C . -20.82 -1.66 -4.33
H1 GLA C . -23.05 -2.14 0.63
H2 GLA C . -21.69 -3.92 0.56
H3 GLA C . -19.30 -2.63 -0.33
H4 GLA C . -19.82 -3.03 -2.52
H5 GLA C . -20.83 -1.12 -1.76
H61 GLA C . -22.37 -0.73 -3.49
H62 GLA C . -22.59 -2.31 -3.68
HO1 GLA C . -21.62 -0.06 0.00
HO2 GLA C . -19.71 -2.88 1.68
HO3 GLA C . -19.53 -5.01 -1.03
HO4 GLA C . -22.09 -4.06 -2.62
HO6 GLA C . -20.24 -1.02 -4.12
C1 4QI D . -19.67 3.58 13.55
C2 4QI D . -20.75 3.40 14.42
C3 4QI D . -20.64 3.77 15.76
C4 4QI D . -19.44 4.32 16.22
C5 4QI D . -18.33 4.48 15.34
C6 4QI D . -18.46 4.13 14.00
O7 4QI D . -21.76 2.88 13.70
C8 4QI D . -21.31 2.76 12.47
N9 4QI D . -20.06 3.16 12.34
C13 4QI D . -25.45 1.78 12.17
C15 4QI D . -25.07 0.89 9.97
C19 4QI D . -27.24 0.38 10.79
N25 4QI D . -26.62 3.92 11.67
C27 4QI D . -27.05 4.70 13.67
C28 4QI D . -26.40 3.49 13.82
N10 4QI D . -21.98 2.24 11.41
C14 4QI D . -25.88 0.93 10.99
O23 4QI D . -27.96 0.43 11.71
C20 4QI D . -27.64 -0.23 9.47
C21 4QI D . -26.85 0.34 8.29
C22 4QI D . -25.37 0.28 8.60
N12 4QI D . -24.06 1.84 12.51
N16 4QI D . -23.76 1.40 10.21
C11 4QI D . -23.32 1.84 11.50
CL29 4QI D . -25.97 2.68 15.29
N26 4QI D . -27.18 4.94 12.35
C24 4QI D . -26.15 3.04 12.54
H3 4QI D . -21.48 3.64 16.44
H4 4QI D . -19.34 4.59 17.27
H5 4QI D . -17.39 4.89 15.69
H6 4QI D . -17.63 4.24 13.31
H15 4QI D . -25.80 1.12 12.96
H30 4QI D . -26.57 3.84 10.68
H27 4QI D . -27.41 5.35 14.47
H40 4QI D . -21.45 1.88 10.66
H201 4QI D . -28.71 -0.05 9.30
H202 4QI D . -27.48 -1.32 9.51
H211 4QI D . -27.14 1.39 8.13
H212 4QI D . -27.05 -0.23 7.40
H222 4QI D . -24.82 0.83 7.84
H221 4QI D . -25.05 -0.76 8.59
H18 4QI D . -23.12 1.40 9.45
P PO4 E . -22.95 2.74 6.09
O1 PO4 E . -24.34 2.12 5.93
O2 PO4 E . -23.09 4.25 6.27
O3 PO4 E . -22.13 2.48 4.78
O4 PO4 E . -22.24 2.13 7.32
P PO4 F . -26.99 28.61 -11.59
O1 PO4 F . -27.06 29.57 -10.38
O2 PO4 F . -26.10 29.24 -12.70
O3 PO4 F . -28.41 28.35 -12.12
O4 PO4 F . -26.35 27.28 -11.15
P PO4 G . -21.72 -16.12 5.16
O1 PO4 G . -22.88 -15.11 5.45
O2 PO4 G . -20.37 -15.49 5.58
O3 PO4 G . -21.96 -17.41 5.98
O4 PO4 G . -21.66 -16.47 3.64
NA NA H . -32.20 22.30 -0.54
C1 GLA I . 20.70 0.19 -7.31
C2 GLA I . 19.81 1.45 -7.25
C3 GLA I . 18.32 1.22 -7.68
C4 GLA I . 18.45 0.39 -9.04
C5 GLA I . 19.35 -0.86 -8.86
C6 GLA I . 19.49 -1.66 -10.21
O1 GLA I . 20.33 -0.63 -6.15
O2 GLA I . 19.81 1.91 -5.93
O3 GLA I . 17.68 2.36 -7.82
O4 GLA I . 18.81 1.18 -10.14
O5 GLA I . 20.50 -0.51 -8.35
O6 GLA I . 18.20 -2.11 -10.62
H1 GLA I . 21.64 0.44 -7.25
H2 GLA I . 20.21 2.14 -7.82
H3 GLA I . 17.87 0.68 -7.01
H4 GLA I . 17.55 0.05 -9.23
H5 GLA I . 18.90 -1.45 -8.22
H61 GLA I . 20.07 -2.43 -10.06
H62 GLA I . 19.88 -1.09 -10.89
HO1 GLA I . 20.04 -1.42 -6.42
HO2 GLA I . 18.98 1.97 -5.64
HO3 GLA I . 17.42 2.46 -8.67
HO4 GLA I . 19.50 0.82 -10.56
HO6 GLA I . 17.85 -2.64 -10.00
C1 4QI J . 23.34 1.61 6.87
C2 4QI J . 24.62 2.16 7.10
C3 4QI J . 24.99 2.48 8.40
C4 4QI J . 24.08 2.27 9.44
C5 4QI J . 22.80 1.70 9.19
C6 4QI J . 22.42 1.38 7.89
O7 4QI J . 25.26 2.27 5.93
C8 4QI J . 24.39 1.79 5.04
N9 4QI J . 23.24 1.41 5.57
C13 4QI J . 28.06 2.55 3.02
C15 4QI J . 27.01 2.20 0.91
C19 4QI J . 29.24 3.09 0.61
N25 4QI J . 29.18 0.35 3.34
C27 4QI J . 30.45 0.69 5.09
C28 4QI J . 29.76 1.84 4.80
N10 4QI J . 24.63 1.67 3.67
C14 4QI J . 28.06 2.73 1.50
O23 4QI J . 30.24 3.55 1.03
C20 4QI J . 29.15 2.94 -0.90
C21 4QI J . 28.15 1.82 -1.29
C22 4QI J . 26.80 1.99 -0.59
N12 4QI J . 26.83 2.68 3.75
N16 4QI J . 25.89 1.87 1.73
C11 4QI J . 25.86 2.11 3.15
CL29 4QI J . 29.81 3.33 5.69
N26 4QI J . 30.08 -0.21 4.17
C24 4QI J . 28.98 1.61 3.70
H3 4QI J . 25.97 2.90 8.61
H4 4QI J . 24.35 2.53 10.46
H5 4QI J . 22.10 1.55 10.01
H6 4QI J . 21.43 0.97 7.69
H15 4QI J . 28.51 3.50 3.29
H30 4QI J . 28.77 -0.10 2.56
H27 4QI J . 31.15 0.54 5.91
H40 4QI J . 23.84 1.75 3.08
H201 4QI J . 30.14 2.69 -1.29
H202 4QI J . 28.82 3.88 -1.34
H211 4QI J . 28.58 0.85 -1.01
H212 4QI J . 28.00 1.84 -2.37
H222 4QI J . 26.19 1.09 -0.75
H221 4QI J . 26.27 2.85 -1.01
H18 4QI J . 25.09 1.46 1.30
P PO4 K . 23.88 -1.13 -0.91
O1 PO4 K . 23.16 0.09 -0.14
O2 PO4 K . 24.83 -1.87 0.05
O3 PO4 K . 22.80 -2.16 -1.45
O4 PO4 K . 24.67 -0.61 -2.11
NA NA L . 32.23 -22.17 -0.58
#